data_3II4
#
_entry.id   3II4
#
_cell.length_a   83.900
_cell.length_b   98.400
_cell.length_c   123.800
_cell.angle_alpha   90.000
_cell.angle_beta   90.000
_cell.angle_gamma   90.000
#
_symmetry.space_group_name_H-M   'P 21 21 21'
#
loop_
_entity.id
_entity.type
_entity.pdbx_description
1 polymer 'Dihydrolipoyl dehydrogenase'
2 non-polymer 'FLAVIN-ADENINE DINUCLEOTIDE'
3 non-polymer N-[2-(2,4-dichlorophenyl)ethyl]-2-{8-[(2,4-dimethoxyphenyl)carbonyl]-4-oxo-1-phenyl-1,3,8-triazaspiro[4.5]dec-3-yl}acetamide
4 water water
#
_entity_poly.entity_id   1
_entity_poly.type   'polypeptide(L)'
_entity_poly.pdbx_seq_one_letter_code
;GSMTHYDVVVLGAGPGGYVAAIRAAQLGLSTAIVEPKYWGGVCLNVGCIPSKALLRNAELVHIFTKDAKAFGISGEVTFD
YGIAYDRSRKVAEGRVAGVHFLMKKNKITEIHGYGTFADANTLLVDLNDGGTESVTFDNAIIATGSSTRLVPGTSLSANV
VTYEEQILSRELPKSIIIAGAGAIGMEFGYVLKNYGVDVTIVEFLPRALPNEDADVSKEIEKQFKKLGVTILTATKVESI
ADGGSQVTVTVTKDGVAQELKAEKVLQAIGFAPNVEGYGLDKAGVALTDRKAIGVDDYMRTNVGHIYAIGDVNGLLQLAH
VAEAQGVVAAETIAGAETLTLGDHRMLPRATFCQPNVASFGLTEQQARNEGYDVVVAKFPFTANAKAHGVGDPSGFVKLV
ADAKHGELLGGHLVGHDVAELLPELTLAQRWDLTASELARNVHTHPTMSEALQECFHGLVGHMINF
;
_entity_poly.pdbx_strand_id   A,B
#
loop_
_chem_comp.id
_chem_comp.type
_chem_comp.name
_chem_comp.formula
3II non-polymer N-[2-(2,4-dichlorophenyl)ethyl]-2-{8-[(2,4-dimethoxyphenyl)carbonyl]-4-oxo-1-phenyl-1,3,8-triazaspiro[4.5]dec-3-yl}acetamide 'C32 H34 Cl2 N4 O5'
FAD non-polymer 'FLAVIN-ADENINE DINUCLEOTIDE' 'C27 H33 N9 O15 P2'
#
# COMPACT_ATOMS: atom_id res chain seq x y z
N THR A 4 -38.45 25.36 -14.93
CA THR A 4 -37.25 24.78 -14.27
C THR A 4 -37.35 23.27 -14.27
N HIS A 5 -36.82 22.64 -15.32
CA HIS A 5 -36.86 21.18 -15.46
C HIS A 5 -35.47 20.66 -15.79
N TYR A 6 -35.17 19.45 -15.34
CA TYR A 6 -33.87 18.83 -15.60
C TYR A 6 -34.06 17.36 -15.94
N ASP A 7 -33.08 16.79 -16.61
CA ASP A 7 -33.16 15.37 -16.94
C ASP A 7 -32.96 14.61 -15.64
N VAL A 8 -31.98 15.06 -14.86
CA VAL A 8 -31.65 14.44 -13.59
C VAL A 8 -31.51 15.46 -12.46
N VAL A 9 -32.04 15.11 -11.30
CA VAL A 9 -31.96 15.94 -10.11
C VAL A 9 -31.43 15.07 -8.97
N VAL A 10 -30.36 15.53 -8.33
CA VAL A 10 -29.74 14.81 -7.23
C VAL A 10 -30.02 15.47 -5.88
N LEU A 11 -30.51 14.68 -4.92
CA LEU A 11 -30.79 15.18 -3.57
C LEU A 11 -29.62 14.81 -2.66
N GLY A 12 -28.85 15.80 -2.23
CA GLY A 12 -27.71 15.52 -1.38
C GLY A 12 -26.42 15.66 -2.15
N ALA A 13 -25.44 16.36 -1.57
CA ALA A 13 -24.17 16.57 -2.25
C ALA A 13 -22.99 15.85 -1.58
N GLY A 14 -23.26 14.70 -1.00
CA GLY A 14 -22.18 13.94 -0.38
C GLY A 14 -21.48 13.10 -1.43
N PRO A 15 -20.56 12.21 -1.04
CA PRO A 15 -19.82 11.35 -1.96
C PRO A 15 -20.69 10.77 -3.09
N GLY A 16 -21.88 10.28 -2.73
CA GLY A 16 -22.74 9.71 -3.75
C GLY A 16 -23.40 10.71 -4.68
N GLY A 17 -24.02 11.73 -4.10
CA GLY A 17 -24.70 12.73 -4.90
C GLY A 17 -23.84 13.52 -5.87
N TYR A 18 -22.75 14.11 -5.37
CA TYR A 18 -21.91 14.92 -6.25
C TYR A 18 -21.17 14.11 -7.30
N VAL A 19 -20.87 12.85 -7.01
CA VAL A 19 -20.18 12.02 -8.00
C VAL A 19 -21.18 11.55 -9.05
N ALA A 20 -22.41 11.31 -8.63
CA ALA A 20 -23.45 10.88 -9.55
C ALA A 20 -23.79 12.01 -10.52
N ALA A 21 -23.73 13.25 -10.01
CA ALA A 21 -24.03 14.42 -10.83
C ALA A 21 -22.97 14.60 -11.90
N ILE A 22 -21.72 14.36 -11.52
CA ILE A 22 -20.61 14.49 -12.46
C ILE A 22 -20.78 13.48 -13.57
N ARG A 23 -21.01 12.22 -13.21
CA ARG A 23 -21.17 11.16 -14.20
C ARG A 23 -22.36 11.51 -15.11
N ALA A 24 -23.47 11.91 -14.49
CA ALA A 24 -24.67 12.27 -15.25
C ALA A 24 -24.34 13.38 -16.25
N ALA A 25 -23.66 14.42 -15.76
CA ALA A 25 -23.28 15.53 -16.62
C ALA A 25 -22.42 15.03 -17.77
N GLN A 26 -21.45 14.17 -17.47
CA GLN A 26 -20.56 13.62 -18.49
C GLN A 26 -21.34 12.92 -19.59
N LEU A 27 -22.49 12.34 -19.22
CA LEU A 27 -23.33 11.64 -20.17
C LEU A 27 -24.32 12.56 -20.89
N GLY A 28 -24.02 13.86 -20.87
CA GLY A 28 -24.86 14.84 -21.55
C GLY A 28 -26.23 15.11 -20.95
N LEU A 29 -26.42 14.76 -19.68
CA LEU A 29 -27.69 14.97 -19.01
C LEU A 29 -27.69 16.28 -18.21
N SER A 30 -28.69 17.14 -18.46
CA SER A 30 -28.79 18.38 -17.72
C SER A 30 -28.98 17.94 -16.27
N THR A 31 -28.14 18.44 -15.37
CA THR A 31 -28.21 18.01 -13.99
C THR A 31 -28.27 19.13 -12.95
N ALA A 32 -28.99 18.88 -11.87
CA ALA A 32 -29.12 19.84 -10.77
C ALA A 32 -29.01 19.09 -9.45
N ILE A 33 -28.20 19.61 -8.53
CA ILE A 33 -28.02 18.96 -7.24
C ILE A 33 -28.41 19.91 -6.11
N VAL A 34 -29.21 19.40 -5.18
CA VAL A 34 -29.72 20.18 -4.05
C VAL A 34 -29.07 19.76 -2.73
N GLU A 35 -28.51 20.74 -2.03
CA GLU A 35 -27.85 20.51 -0.74
C GLU A 35 -28.03 21.76 0.10
N PRO A 36 -28.47 21.60 1.35
CA PRO A 36 -28.67 22.76 2.24
C PRO A 36 -27.55 23.07 3.22
N LYS A 37 -26.68 22.11 3.50
CA LYS A 37 -25.62 22.33 4.48
C LYS A 37 -24.22 21.85 4.13
N TYR A 38 -24.06 20.54 3.92
CA TYR A 38 -22.74 19.97 3.63
C TYR A 38 -22.43 19.58 2.18
N TRP A 39 -21.68 20.44 1.49
CA TRP A 39 -21.27 20.13 0.14
C TRP A 39 -20.11 19.16 0.32
N GLY A 40 -20.28 17.96 -0.20
CA GLY A 40 -19.27 16.92 -0.02
C GLY A 40 -19.85 15.99 1.03
N GLY A 41 -20.99 16.41 1.60
CA GLY A 41 -21.67 15.62 2.59
C GLY A 41 -20.96 15.46 3.92
N VAL A 42 -21.24 14.34 4.58
CA VAL A 42 -20.64 14.01 5.86
C VAL A 42 -19.15 13.78 5.68
N CYS A 43 -18.84 12.87 4.77
CA CYS A 43 -17.48 12.47 4.45
C CYS A 43 -16.45 13.58 4.38
N LEU A 44 -16.62 14.52 3.46
CA LEU A 44 -15.66 15.61 3.29
C LEU A 44 -15.68 16.69 4.36
N ASN A 45 -16.83 16.90 4.99
CA ASN A 45 -16.96 17.93 6.01
C ASN A 45 -16.67 17.52 7.44
N VAL A 46 -17.34 16.46 7.90
CA VAL A 46 -17.15 16.02 9.27
C VAL A 46 -16.91 14.52 9.37
N GLY A 47 -16.55 13.89 8.25
CA GLY A 47 -16.31 12.47 8.28
C GLY A 47 -14.93 12.10 7.80
N CYS A 48 -14.91 11.26 6.76
CA CYS A 48 -13.70 10.78 6.13
C CYS A 48 -12.46 11.66 6.22
N ILE A 49 -12.49 12.73 5.43
CA ILE A 49 -11.38 13.68 5.31
C ILE A 49 -10.73 14.16 6.60
N PRO A 50 -11.47 14.91 7.44
CA PRO A 50 -10.79 15.35 8.67
C PRO A 50 -10.37 14.18 9.55
N SER A 51 -11.19 13.14 9.58
CA SER A 51 -10.91 11.95 10.37
C SER A 51 -9.55 11.34 10.07
N LYS A 52 -9.29 11.01 8.81
CA LYS A 52 -8.00 10.43 8.45
C LYS A 52 -6.82 11.36 8.74
N ALA A 53 -7.09 12.66 8.75
CA ALA A 53 -6.04 13.62 9.03
C ALA A 53 -5.66 13.47 10.49
N LEU A 54 -6.67 13.45 11.37
CA LEU A 54 -6.46 13.29 12.80
C LEU A 54 -5.83 11.95 13.15
N LEU A 55 -6.22 10.91 12.41
CA LEU A 55 -5.67 9.59 12.65
C LEU A 55 -4.17 9.62 12.33
N ARG A 56 -3.79 10.37 11.31
CA ARG A 56 -2.38 10.47 10.94
C ARG A 56 -1.61 11.11 12.10
N ASN A 57 -2.11 12.23 12.60
CA ASN A 57 -1.46 12.92 13.71
C ASN A 57 -1.30 11.98 14.91
N ALA A 58 -2.37 11.30 15.28
CA ALA A 58 -2.34 10.39 16.41
C ALA A 58 -1.31 9.29 16.18
N GLU A 59 -1.10 8.92 14.92
CA GLU A 59 -0.14 7.87 14.61
C GLU A 59 1.28 8.33 14.96
N LEU A 60 1.59 9.57 14.61
CA LEU A 60 2.92 10.11 14.89
C LEU A 60 3.16 10.20 16.38
N VAL A 61 2.12 10.58 17.12
CA VAL A 61 2.22 10.67 18.57
C VAL A 61 2.53 9.27 19.08
N HIS A 62 1.87 8.27 18.51
CA HIS A 62 2.08 6.89 18.89
C HIS A 62 3.52 6.50 18.56
N ILE A 63 3.86 6.60 17.27
CA ILE A 63 5.20 6.25 16.79
C ILE A 63 6.30 6.78 17.70
N PHE A 64 6.17 8.03 18.13
CA PHE A 64 7.19 8.59 19.01
C PHE A 64 7.10 7.93 20.38
N THR A 65 6.00 8.19 21.07
CA THR A 65 5.77 7.63 22.40
C THR A 65 6.22 6.19 22.53
N LYS A 66 5.55 5.31 21.79
CA LYS A 66 5.83 3.88 21.81
C LYS A 66 7.20 3.42 21.30
N ASP A 67 7.76 4.10 20.31
CA ASP A 67 9.03 3.64 19.76
C ASP A 67 10.19 4.62 19.62
N ALA A 68 10.14 5.75 20.33
CA ALA A 68 11.21 6.74 20.25
C ALA A 68 12.58 6.10 20.46
N LYS A 69 12.71 5.36 21.55
CA LYS A 69 13.95 4.69 21.89
C LYS A 69 14.38 3.69 20.82
N ALA A 70 13.45 2.83 20.39
CA ALA A 70 13.76 1.82 19.39
C ALA A 70 14.32 2.42 18.10
N PHE A 71 14.03 3.71 17.87
CA PHE A 71 14.49 4.39 16.67
C PHE A 71 15.63 5.37 16.91
N GLY A 72 16.19 5.35 18.13
CA GLY A 72 17.29 6.25 18.43
C GLY A 72 16.87 7.69 18.44
N ILE A 73 15.60 7.93 18.74
CA ILE A 73 15.07 9.29 18.81
C ILE A 73 14.90 9.63 20.28
N SER A 74 15.75 10.52 20.79
CA SER A 74 15.66 10.91 22.19
C SER A 74 15.40 12.40 22.32
N GLY A 75 14.65 12.76 23.36
CA GLY A 75 14.33 14.16 23.60
C GLY A 75 12.93 14.26 24.18
N GLU A 76 12.62 15.43 24.73
CA GLU A 76 11.31 15.65 25.32
C GLU A 76 10.41 16.44 24.37
N VAL A 77 9.49 15.74 23.72
CA VAL A 77 8.57 16.40 22.80
C VAL A 77 7.16 16.42 23.39
N THR A 78 6.35 17.33 22.89
CA THR A 78 4.97 17.45 23.34
C THR A 78 4.12 17.67 22.11
N PHE A 79 2.90 17.13 22.15
CA PHE A 79 2.00 17.27 21.01
C PHE A 79 0.80 18.12 21.37
N ASP A 80 0.41 18.99 20.46
CA ASP A 80 -0.72 19.88 20.68
C ASP A 80 -1.87 19.53 19.76
N TYR A 81 -2.88 18.89 20.33
CA TYR A 81 -4.06 18.48 19.57
C TYR A 81 -4.68 19.63 18.78
N GLY A 82 -4.74 20.80 19.38
CA GLY A 82 -5.32 21.96 18.71
C GLY A 82 -4.78 22.13 17.30
N ILE A 83 -3.47 21.92 17.12
CA ILE A 83 -2.84 22.05 15.81
C ILE A 83 -3.29 20.91 14.89
N ALA A 84 -3.47 19.73 15.46
CA ALA A 84 -3.93 18.58 14.69
C ALA A 84 -5.33 18.92 14.19
N TYR A 85 -6.12 19.48 15.10
CA TYR A 85 -7.48 19.88 14.77
C TYR A 85 -7.44 20.87 13.61
N ASP A 86 -6.65 21.93 13.77
CA ASP A 86 -6.53 22.96 12.74
C ASP A 86 -6.24 22.41 11.36
N ARG A 87 -5.30 21.47 11.27
CA ARG A 87 -4.94 20.90 9.98
C ARG A 87 -6.08 20.07 9.38
N SER A 88 -6.84 19.39 10.24
CA SER A 88 -7.96 18.57 9.78
C SER A 88 -9.04 19.42 9.13
N ARG A 89 -9.21 20.64 9.63
CA ARG A 89 -10.22 21.52 9.06
C ARG A 89 -9.74 22.03 7.70
N LYS A 90 -8.46 22.38 7.62
CA LYS A 90 -7.87 22.86 6.37
C LYS A 90 -7.97 21.80 5.29
N VAL A 91 -7.63 20.57 5.65
CA VAL A 91 -7.69 19.47 4.70
C VAL A 91 -9.15 19.25 4.27
N ALA A 92 -10.06 19.49 5.21
CA ALA A 92 -11.48 19.34 4.92
C ALA A 92 -11.96 20.46 3.99
N GLU A 93 -11.62 21.69 4.32
CA GLU A 93 -12.05 22.82 3.49
C GLU A 93 -11.47 22.72 2.07
N GLY A 94 -10.31 22.10 1.94
CA GLY A 94 -9.71 21.95 0.64
C GLY A 94 -10.55 21.08 -0.28
N ARG A 95 -11.03 19.96 0.26
CA ARG A 95 -11.87 19.03 -0.48
C ARG A 95 -13.24 19.60 -0.82
N VAL A 96 -13.84 20.29 0.14
CA VAL A 96 -15.14 20.89 -0.06
C VAL A 96 -15.07 21.88 -1.22
N ALA A 97 -13.96 22.63 -1.29
CA ALA A 97 -13.76 23.60 -2.36
C ALA A 97 -13.62 22.84 -3.68
N GLY A 98 -13.09 21.62 -3.59
CA GLY A 98 -12.89 20.80 -4.77
C GLY A 98 -14.23 20.35 -5.35
N VAL A 99 -15.21 20.17 -4.47
CA VAL A 99 -16.55 19.75 -4.90
C VAL A 99 -17.17 20.84 -5.77
N HIS A 100 -17.10 22.08 -5.32
CA HIS A 100 -17.64 23.22 -6.05
C HIS A 100 -16.95 23.40 -7.40
N PHE A 101 -15.66 23.14 -7.43
CA PHE A 101 -14.87 23.26 -8.65
C PHE A 101 -15.42 22.30 -9.71
N LEU A 102 -15.54 21.02 -9.34
CA LEU A 102 -16.04 20.01 -10.25
C LEU A 102 -17.49 20.27 -10.67
N MET A 103 -18.27 20.94 -9.82
CA MET A 103 -19.66 21.24 -10.16
C MET A 103 -19.71 22.23 -11.31
N LYS A 104 -18.91 23.29 -11.23
CA LYS A 104 -18.89 24.29 -12.28
C LYS A 104 -18.28 23.70 -13.56
N LYS A 105 -17.13 23.04 -13.41
CA LYS A 105 -16.45 22.43 -14.54
C LYS A 105 -17.37 21.51 -15.35
N ASN A 106 -18.35 20.91 -14.69
CA ASN A 106 -19.28 20.02 -15.37
C ASN A 106 -20.62 20.69 -15.62
N LYS A 107 -20.65 22.00 -15.48
CA LYS A 107 -21.86 22.79 -15.71
C LYS A 107 -23.08 22.20 -15.01
N ILE A 108 -22.88 21.73 -13.78
CA ILE A 108 -23.95 21.17 -12.98
C ILE A 108 -24.54 22.29 -12.13
N THR A 109 -25.86 22.38 -12.08
CA THR A 109 -26.52 23.44 -11.32
C THR A 109 -26.65 23.17 -9.82
N GLU A 110 -26.19 24.13 -9.03
CA GLU A 110 -26.22 24.04 -7.57
C GLU A 110 -27.47 24.71 -7.00
N ILE A 111 -28.20 23.99 -6.16
CA ILE A 111 -29.40 24.53 -5.52
C ILE A 111 -29.19 24.50 -4.00
N HIS A 112 -29.04 25.68 -3.41
CA HIS A 112 -28.80 25.82 -1.99
C HIS A 112 -30.07 25.85 -1.15
N GLY A 113 -30.58 24.66 -0.84
CA GLY A 113 -31.79 24.54 -0.05
C GLY A 113 -32.08 23.10 0.29
N TYR A 114 -33.25 22.87 0.90
CA TYR A 114 -33.67 21.53 1.28
C TYR A 114 -34.74 21.05 0.29
N GLY A 115 -34.64 19.79 -0.14
CA GLY A 115 -35.60 19.28 -1.09
C GLY A 115 -36.65 18.35 -0.51
N THR A 116 -37.90 18.56 -0.92
CA THR A 116 -39.02 17.74 -0.47
C THR A 116 -39.86 17.34 -1.67
N PHE A 117 -40.07 16.05 -1.85
CA PHE A 117 -40.86 15.58 -2.99
C PHE A 117 -42.34 15.99 -2.89
N ALA A 118 -42.88 16.42 -4.01
CA ALA A 118 -44.28 16.82 -4.09
C ALA A 118 -44.97 15.81 -5.01
N ASP A 119 -44.21 15.35 -6.00
CA ASP A 119 -44.72 14.42 -7.00
C ASP A 119 -43.64 13.37 -7.27
N ALA A 120 -43.88 12.53 -8.27
CA ALA A 120 -42.92 11.51 -8.65
C ALA A 120 -41.91 12.16 -9.59
N ASN A 121 -42.18 13.41 -9.96
CA ASN A 121 -41.31 14.17 -10.85
C ASN A 121 -41.20 15.62 -10.44
N THR A 122 -41.65 15.93 -9.21
CA THR A 122 -41.60 17.30 -8.73
C THR A 122 -40.96 17.43 -7.36
N LEU A 123 -40.04 18.37 -7.23
CA LEU A 123 -39.35 18.60 -5.97
C LEU A 123 -39.62 20.00 -5.45
N LEU A 124 -39.95 20.10 -4.16
CA LEU A 124 -40.19 21.41 -3.55
C LEU A 124 -38.93 21.78 -2.79
N VAL A 125 -38.36 22.92 -3.11
CA VAL A 125 -37.13 23.35 -2.47
C VAL A 125 -37.27 24.57 -1.56
N ASP A 126 -36.81 24.41 -0.32
CA ASP A 126 -36.81 25.49 0.65
C ASP A 126 -35.42 26.09 0.57
N LEU A 127 -35.28 27.19 -0.15
CA LEU A 127 -33.99 27.84 -0.31
C LEU A 127 -33.42 28.37 1.00
N ASN A 128 -32.09 28.34 1.11
CA ASN A 128 -31.44 28.81 2.32
C ASN A 128 -31.68 30.29 2.54
N ASP A 129 -31.91 31.04 1.46
CA ASP A 129 -32.17 32.46 1.56
C ASP A 129 -33.58 32.78 2.07
N GLY A 130 -34.40 31.73 2.21
CA GLY A 130 -35.77 31.93 2.69
C GLY A 130 -36.84 31.72 1.64
N GLY A 131 -36.47 31.86 0.37
CA GLY A 131 -37.43 31.68 -0.71
C GLY A 131 -37.87 30.24 -0.88
N THR A 132 -38.80 30.03 -1.81
CA THR A 132 -39.32 28.69 -2.07
C THR A 132 -39.56 28.51 -3.57
N GLU A 133 -38.95 27.48 -4.16
CA GLU A 133 -39.14 27.22 -5.58
C GLU A 133 -39.40 25.74 -5.88
N SER A 134 -39.97 25.48 -7.05
CA SER A 134 -40.30 24.13 -7.49
C SER A 134 -39.43 23.72 -8.67
N VAL A 135 -39.24 22.41 -8.84
CA VAL A 135 -38.43 21.90 -9.94
C VAL A 135 -38.91 20.52 -10.40
N THR A 136 -39.00 20.32 -11.71
CA THR A 136 -39.42 19.02 -12.25
C THR A 136 -38.20 18.30 -12.77
N PHE A 137 -38.34 17.00 -13.00
CA PHE A 137 -37.24 16.18 -13.48
C PHE A 137 -37.77 14.89 -14.09
N ASP A 138 -36.99 14.29 -14.97
CA ASP A 138 -37.40 13.03 -15.59
C ASP A 138 -36.82 11.88 -14.78
N ASN A 139 -35.69 12.15 -14.12
CA ASN A 139 -35.01 11.15 -13.29
C ASN A 139 -34.51 11.82 -12.02
N ALA A 140 -34.48 11.07 -10.93
CA ALA A 140 -34.00 11.62 -9.67
C ALA A 140 -33.13 10.62 -8.91
N ILE A 141 -32.08 11.14 -8.28
CA ILE A 141 -31.16 10.32 -7.51
C ILE A 141 -31.22 10.78 -6.04
N ILE A 142 -31.58 9.86 -5.16
CA ILE A 142 -31.68 10.18 -3.74
C ILE A 142 -30.42 9.76 -2.97
N ALA A 143 -29.65 10.75 -2.54
CA ALA A 143 -28.41 10.52 -1.81
C ALA A 143 -28.45 11.34 -0.53
N THR A 144 -29.45 11.07 0.29
CA THR A 144 -29.67 11.80 1.53
C THR A 144 -28.89 11.28 2.74
N GLY A 145 -28.02 10.30 2.51
CA GLY A 145 -27.20 9.75 3.58
C GLY A 145 -27.97 9.22 4.78
N SER A 146 -27.28 9.13 5.90
CA SER A 146 -27.87 8.63 7.15
C SER A 146 -27.55 9.54 8.34
N SER A 147 -28.16 9.25 9.47
CA SER A 147 -27.93 10.01 10.70
C SER A 147 -27.60 9.04 11.83
N THR A 148 -27.08 9.57 12.93
CA THR A 148 -26.71 8.76 14.09
C THR A 148 -27.91 8.12 14.77
N ARG A 149 -27.81 6.82 15.03
CA ARG A 149 -28.87 6.10 15.70
C ARG A 149 -28.54 6.07 17.19
N LEU A 150 -29.31 6.80 17.99
CA LEU A 150 -29.08 6.87 19.43
C LEU A 150 -29.43 5.58 20.15
N VAL A 151 -28.72 5.30 21.23
CA VAL A 151 -29.01 4.11 22.02
C VAL A 151 -30.45 4.27 22.52
N PRO A 152 -31.26 3.22 22.37
CA PRO A 152 -32.67 3.22 22.81
C PRO A 152 -32.92 3.90 24.16
N GLY A 153 -33.82 4.88 24.16
CA GLY A 153 -34.16 5.59 25.38
C GLY A 153 -33.22 6.71 25.81
N THR A 154 -32.10 6.88 25.13
CA THR A 154 -31.17 7.93 25.49
C THR A 154 -31.32 9.12 24.55
N SER A 155 -30.63 10.20 24.87
CA SER A 155 -30.69 11.39 24.03
C SER A 155 -29.37 12.16 24.09
N LEU A 156 -29.23 13.12 23.18
CA LEU A 156 -28.04 13.95 23.12
C LEU A 156 -28.13 15.08 24.12
N SER A 157 -26.99 15.64 24.50
CA SER A 157 -26.96 16.73 25.46
C SER A 157 -25.58 17.37 25.48
N ALA A 158 -25.38 18.30 26.40
CA ALA A 158 -24.12 19.00 26.53
C ALA A 158 -22.90 18.07 26.45
N ASN A 159 -22.96 16.95 27.16
CA ASN A 159 -21.83 16.01 27.18
C ASN A 159 -22.08 14.66 26.50
N VAL A 160 -23.24 14.51 25.87
CA VAL A 160 -23.57 13.28 25.15
C VAL A 160 -23.70 13.70 23.69
N VAL A 161 -22.61 13.53 22.94
CA VAL A 161 -22.58 13.96 21.54
C VAL A 161 -22.49 12.87 20.47
N THR A 162 -22.56 13.32 19.22
CA THR A 162 -22.43 12.44 18.05
C THR A 162 -21.03 12.71 17.52
N TYR A 163 -20.66 12.04 16.44
CA TYR A 163 -19.34 12.21 15.85
C TYR A 163 -19.12 13.67 15.45
N GLU A 164 -20.20 14.34 15.09
CA GLU A 164 -20.12 15.73 14.65
C GLU A 164 -19.50 16.64 15.69
N GLU A 165 -20.17 16.78 16.84
CA GLU A 165 -19.67 17.64 17.90
C GLU A 165 -18.26 17.26 18.31
N GLN A 166 -18.04 15.96 18.48
CA GLN A 166 -16.73 15.49 18.91
C GLN A 166 -15.62 15.87 17.93
N ILE A 167 -15.83 15.57 16.65
CA ILE A 167 -14.81 15.86 15.65
C ILE A 167 -14.62 17.34 15.38
N LEU A 168 -15.63 18.15 15.69
CA LEU A 168 -15.51 19.59 15.47
C LEU A 168 -15.02 20.28 16.74
N SER A 169 -14.64 19.47 17.73
CA SER A 169 -14.17 20.01 19.00
C SER A 169 -12.65 20.15 19.00
N ARG A 170 -12.18 21.37 19.22
CA ARG A 170 -10.74 21.62 19.24
C ARG A 170 -10.13 21.24 20.58
N GLU A 171 -10.94 21.28 21.62
CA GLU A 171 -10.48 20.92 22.95
C GLU A 171 -10.84 19.47 23.20
N LEU A 172 -10.01 18.78 23.98
CA LEU A 172 -10.25 17.38 24.29
C LEU A 172 -10.66 17.20 25.75
N PRO A 173 -11.46 16.17 26.04
CA PRO A 173 -11.90 15.92 27.42
C PRO A 173 -10.83 15.11 28.14
N LYS A 174 -10.99 14.94 29.45
CA LYS A 174 -10.04 14.18 30.23
C LYS A 174 -10.38 12.71 30.12
N SER A 175 -11.65 12.42 29.90
CA SER A 175 -12.11 11.04 29.78
C SER A 175 -13.33 10.96 28.87
N ILE A 176 -13.57 9.79 28.32
CA ILE A 176 -14.71 9.59 27.44
C ILE A 176 -15.13 8.13 27.38
N ILE A 177 -16.40 7.92 27.09
CA ILE A 177 -16.95 6.58 26.96
C ILE A 177 -17.56 6.55 25.57
N ILE A 178 -17.27 5.49 24.82
CA ILE A 178 -17.78 5.37 23.47
C ILE A 178 -18.74 4.19 23.35
N ALA A 179 -19.93 4.48 22.85
CA ALA A 179 -20.95 3.45 22.66
C ALA A 179 -20.88 2.95 21.24
N GLY A 180 -20.32 1.75 21.07
CA GLY A 180 -20.20 1.17 19.74
C GLY A 180 -18.75 0.88 19.39
N ALA A 181 -18.43 -0.39 19.22
CA ALA A 181 -17.06 -0.77 18.87
C ALA A 181 -16.94 -0.98 17.36
N GLY A 182 -17.61 -0.13 16.60
CA GLY A 182 -17.52 -0.19 15.16
C GLY A 182 -16.28 0.58 14.76
N ALA A 183 -16.00 0.66 13.46
CA ALA A 183 -14.82 1.37 12.99
C ALA A 183 -14.78 2.83 13.47
N ILE A 184 -15.88 3.54 13.32
CA ILE A 184 -15.92 4.93 13.74
C ILE A 184 -15.52 5.11 15.21
N GLY A 185 -16.17 4.36 16.10
CA GLY A 185 -15.86 4.45 17.51
C GLY A 185 -14.41 4.07 17.80
N MET A 186 -13.97 2.98 17.20
CA MET A 186 -12.60 2.49 17.38
C MET A 186 -11.60 3.55 16.93
N GLU A 187 -11.89 4.23 15.82
CA GLU A 187 -11.00 5.25 15.32
C GLU A 187 -10.90 6.42 16.29
N PHE A 188 -12.02 6.83 16.86
CA PHE A 188 -12.02 7.92 17.83
C PHE A 188 -11.23 7.49 19.05
N GLY A 189 -11.38 6.22 19.43
CA GLY A 189 -10.66 5.69 20.57
C GLY A 189 -9.17 5.76 20.33
N TYR A 190 -8.75 5.46 19.11
CA TYR A 190 -7.35 5.48 18.75
C TYR A 190 -6.78 6.89 18.91
N VAL A 191 -7.44 7.84 18.24
CA VAL A 191 -7.00 9.23 18.29
C VAL A 191 -6.95 9.77 19.72
N LEU A 192 -8.09 9.74 20.39
CA LEU A 192 -8.20 10.24 21.76
C LEU A 192 -7.21 9.62 22.73
N LYS A 193 -7.05 8.30 22.68
CA LYS A 193 -6.13 7.65 23.59
C LYS A 193 -4.70 8.13 23.39
N ASN A 194 -4.27 8.23 22.13
CA ASN A 194 -2.92 8.68 21.85
C ASN A 194 -2.69 10.10 22.35
N TYR A 195 -3.77 10.87 22.48
CA TYR A 195 -3.62 12.23 22.96
C TYR A 195 -3.87 12.35 24.47
N GLY A 196 -3.74 11.23 25.17
CA GLY A 196 -3.89 11.23 26.61
C GLY A 196 -5.29 11.28 27.22
N VAL A 197 -6.30 10.87 26.46
CA VAL A 197 -7.67 10.88 26.99
C VAL A 197 -8.01 9.49 27.49
N ASP A 198 -8.68 9.41 28.64
CA ASP A 198 -9.08 8.12 29.18
C ASP A 198 -10.16 7.61 28.24
N VAL A 199 -9.96 6.42 27.69
CA VAL A 199 -10.92 5.87 26.75
C VAL A 199 -11.52 4.53 27.13
N THR A 200 -12.84 4.49 27.11
CA THR A 200 -13.57 3.28 27.42
C THR A 200 -14.57 3.09 26.28
N ILE A 201 -14.55 1.91 25.67
CA ILE A 201 -15.44 1.62 24.56
C ILE A 201 -16.36 0.45 24.90
N VAL A 202 -17.67 0.69 24.84
CA VAL A 202 -18.66 -0.32 25.15
C VAL A 202 -19.32 -0.88 23.90
N GLU A 203 -19.29 -2.20 23.76
CA GLU A 203 -19.88 -2.89 22.61
C GLU A 203 -20.87 -3.97 23.06
N PHE A 204 -22.09 -3.89 22.54
CA PHE A 204 -23.14 -4.84 22.85
C PHE A 204 -22.74 -6.26 22.44
N LEU A 205 -22.26 -6.40 21.21
CA LEU A 205 -21.84 -7.70 20.71
C LEU A 205 -20.58 -8.21 21.41
N PRO A 206 -20.36 -9.53 21.41
CA PRO A 206 -19.20 -10.20 22.03
C PRO A 206 -17.79 -9.86 21.54
N ARG A 207 -17.69 -9.27 20.35
CA ARG A 207 -16.39 -8.92 19.79
C ARG A 207 -16.39 -7.46 19.33
N ALA A 208 -15.20 -6.90 19.17
CA ALA A 208 -15.05 -5.54 18.68
C ALA A 208 -15.04 -5.68 17.16
N LEU A 209 -15.43 -4.62 16.45
CA LEU A 209 -15.48 -4.68 14.98
C LEU A 209 -16.20 -5.96 14.61
N PRO A 210 -17.39 -6.17 15.20
CA PRO A 210 -18.23 -7.35 14.98
C PRO A 210 -18.49 -7.76 13.54
N ASN A 211 -18.34 -6.82 12.61
CA ASN A 211 -18.57 -7.14 11.21
C ASN A 211 -17.34 -7.77 10.56
N GLU A 212 -16.19 -7.70 11.23
CA GLU A 212 -14.98 -8.29 10.67
C GLU A 212 -14.88 -9.77 10.99
N ASP A 213 -13.79 -10.39 10.56
CA ASP A 213 -13.57 -11.81 10.83
C ASP A 213 -13.12 -11.92 12.29
N ALA A 214 -13.57 -12.96 12.97
CA ALA A 214 -13.26 -13.17 14.38
C ALA A 214 -11.77 -13.03 14.72
N ASP A 215 -10.89 -13.50 13.84
CA ASP A 215 -9.45 -13.41 14.11
C ASP A 215 -9.01 -11.95 14.13
N VAL A 216 -9.65 -11.14 13.30
CA VAL A 216 -9.34 -9.72 13.21
C VAL A 216 -9.83 -9.01 14.46
N SER A 217 -11.04 -9.36 14.90
CA SER A 217 -11.60 -8.76 16.10
C SER A 217 -10.70 -9.06 17.28
N LYS A 218 -10.26 -10.30 17.38
CA LYS A 218 -9.39 -10.71 18.48
C LYS A 218 -8.07 -9.92 18.48
N GLU A 219 -7.44 -9.86 17.32
CA GLU A 219 -6.15 -9.17 17.17
C GLU A 219 -6.24 -7.67 17.44
N ILE A 220 -7.30 -7.04 16.95
CA ILE A 220 -7.46 -5.61 17.14
C ILE A 220 -7.74 -5.26 18.60
N GLU A 221 -8.48 -6.12 19.29
CA GLU A 221 -8.80 -5.91 20.69
C GLU A 221 -7.53 -5.96 21.53
N LYS A 222 -6.62 -6.86 21.15
CA LYS A 222 -5.36 -7.01 21.85
C LYS A 222 -4.53 -5.73 21.76
N GLN A 223 -4.32 -5.25 20.54
CA GLN A 223 -3.52 -4.04 20.36
C GLN A 223 -4.12 -2.80 21.01
N PHE A 224 -5.45 -2.73 21.07
CA PHE A 224 -6.09 -1.59 21.72
C PHE A 224 -5.89 -1.68 23.24
N LYS A 225 -5.84 -2.90 23.78
CA LYS A 225 -5.64 -3.05 25.21
C LYS A 225 -4.22 -2.66 25.55
N LYS A 226 -3.29 -2.95 24.65
CA LYS A 226 -1.89 -2.59 24.86
C LYS A 226 -1.76 -1.08 24.78
N LEU A 227 -2.61 -0.46 23.97
CA LEU A 227 -2.61 0.99 23.79
C LEU A 227 -3.09 1.67 25.06
N GLY A 228 -3.90 0.95 25.84
CA GLY A 228 -4.40 1.50 27.08
C GLY A 228 -5.89 1.78 27.01
N VAL A 229 -6.52 1.33 25.93
CA VAL A 229 -7.94 1.53 25.74
C VAL A 229 -8.74 0.37 26.35
N THR A 230 -9.66 0.71 27.25
CA THR A 230 -10.48 -0.29 27.90
C THR A 230 -11.71 -0.58 27.04
N ILE A 231 -11.83 -1.82 26.58
CA ILE A 231 -12.98 -2.20 25.75
C ILE A 231 -13.84 -3.23 26.48
N LEU A 232 -15.14 -2.94 26.55
CA LEU A 232 -16.11 -3.81 27.21
C LEU A 232 -17.07 -4.41 26.18
N THR A 233 -16.92 -5.70 25.91
CA THR A 233 -17.75 -6.39 24.93
C THR A 233 -18.90 -7.15 25.58
N ALA A 234 -19.87 -7.58 24.78
CA ALA A 234 -21.01 -8.31 25.31
C ALA A 234 -21.61 -7.49 26.45
N THR A 235 -21.50 -6.18 26.34
CA THR A 235 -22.00 -5.26 27.36
C THR A 235 -23.04 -4.34 26.73
N LYS A 236 -24.21 -4.26 27.36
CA LYS A 236 -25.31 -3.45 26.85
C LYS A 236 -25.51 -2.13 27.60
N VAL A 237 -25.49 -1.03 26.85
CA VAL A 237 -25.70 0.29 27.45
C VAL A 237 -27.18 0.41 27.76
N GLU A 238 -27.49 0.52 29.05
CA GLU A 238 -28.87 0.62 29.51
C GLU A 238 -29.36 2.06 29.48
N SER A 239 -28.58 2.97 30.04
CA SER A 239 -28.95 4.38 30.07
C SER A 239 -27.73 5.30 30.18
N ILE A 240 -27.93 6.57 29.84
CA ILE A 240 -26.87 7.56 29.87
C ILE A 240 -27.37 8.78 30.62
N ALA A 241 -26.70 9.14 31.70
CA ALA A 241 -27.13 10.28 32.50
C ALA A 241 -26.12 11.41 32.48
N ASP A 242 -26.48 12.50 31.80
CA ASP A 242 -25.59 13.65 31.72
C ASP A 242 -25.76 14.49 32.99
N GLY A 243 -24.76 14.44 33.85
CA GLY A 243 -24.83 15.19 35.09
C GLY A 243 -23.96 16.44 35.13
N GLY A 244 -23.67 16.99 33.94
CA GLY A 244 -22.86 18.19 33.88
C GLY A 244 -21.36 17.97 34.07
N SER A 245 -20.96 17.67 35.30
CA SER A 245 -19.55 17.43 35.63
C SER A 245 -19.04 16.09 35.11
N GLN A 246 -19.84 15.06 35.32
CA GLN A 246 -19.50 13.73 34.86
C GLN A 246 -20.74 13.07 34.28
N VAL A 247 -20.54 12.22 33.28
CA VAL A 247 -21.65 11.50 32.66
C VAL A 247 -21.63 10.10 33.24
N THR A 248 -22.80 9.60 33.60
CA THR A 248 -22.89 8.25 34.15
C THR A 248 -23.58 7.34 33.14
N VAL A 249 -22.88 6.29 32.73
CA VAL A 249 -23.45 5.34 31.78
C VAL A 249 -23.75 4.05 32.52
N THR A 250 -25.03 3.72 32.65
CA THR A 250 -25.42 2.50 33.32
C THR A 250 -25.38 1.40 32.29
N VAL A 251 -24.67 0.33 32.60
CA VAL A 251 -24.52 -0.76 31.65
C VAL A 251 -24.78 -2.13 32.26
N THR A 252 -25.07 -3.10 31.39
CA THR A 252 -25.34 -4.47 31.82
C THR A 252 -24.36 -5.47 31.19
N LYS A 253 -23.57 -6.11 32.02
CA LYS A 253 -22.62 -7.11 31.57
C LYS A 253 -22.70 -8.33 32.49
N ASP A 254 -22.91 -9.50 31.89
CA ASP A 254 -23.04 -10.73 32.67
C ASP A 254 -24.19 -10.60 33.65
N GLY A 255 -25.36 -10.24 33.13
CA GLY A 255 -26.55 -10.11 33.94
C GLY A 255 -26.44 -9.23 35.18
N VAL A 256 -25.46 -8.34 35.19
CA VAL A 256 -25.28 -7.45 36.33
C VAL A 256 -25.12 -5.99 35.91
N ALA A 257 -25.85 -5.10 36.58
CA ALA A 257 -25.80 -3.68 36.28
C ALA A 257 -24.68 -2.97 37.01
N GLN A 258 -23.90 -2.19 36.26
CA GLN A 258 -22.79 -1.42 36.82
C GLN A 258 -22.76 -0.06 36.14
N GLU A 259 -22.08 0.90 36.78
CA GLU A 259 -22.00 2.24 36.24
C GLU A 259 -20.62 2.58 35.70
N LEU A 260 -20.60 3.45 34.69
CA LEU A 260 -19.37 3.93 34.10
C LEU A 260 -19.43 5.47 34.11
N LYS A 261 -18.30 6.11 34.38
CA LYS A 261 -18.28 7.57 34.42
C LYS A 261 -17.11 8.16 33.65
N ALA A 262 -17.41 9.28 32.97
CA ALA A 262 -16.43 10.02 32.18
C ALA A 262 -17.02 11.41 31.94
N GLU A 263 -16.24 12.31 31.36
CA GLU A 263 -16.73 13.66 31.10
C GLU A 263 -17.66 13.71 29.90
N LYS A 264 -17.29 12.99 28.85
CA LYS A 264 -18.09 12.95 27.63
C LYS A 264 -18.41 11.53 27.21
N VAL A 265 -19.49 11.40 26.45
CA VAL A 265 -19.91 10.11 25.95
C VAL A 265 -20.22 10.26 24.47
N LEU A 266 -19.61 9.40 23.66
CA LEU A 266 -19.81 9.43 22.22
C LEU A 266 -20.78 8.35 21.79
N GLN A 267 -21.84 8.74 21.09
CA GLN A 267 -22.84 7.80 20.60
C GLN A 267 -22.54 7.41 19.16
N ALA A 268 -22.07 6.18 18.96
CA ALA A 268 -21.76 5.73 17.62
C ALA A 268 -21.99 4.23 17.44
N ILE A 269 -23.22 3.78 17.69
CA ILE A 269 -23.52 2.36 17.56
C ILE A 269 -24.00 2.00 16.15
N GLY A 270 -24.52 2.99 15.42
CA GLY A 270 -24.99 2.73 14.08
C GLY A 270 -25.52 3.98 13.41
N PHE A 271 -25.90 3.88 12.14
CA PHE A 271 -26.41 5.02 11.41
C PHE A 271 -27.62 4.64 10.57
N ALA A 272 -28.73 5.34 10.80
CA ALA A 272 -29.96 5.06 10.09
C ALA A 272 -30.12 5.93 8.85
N PRO A 273 -30.57 5.33 7.74
CA PRO A 273 -30.76 6.06 6.49
C PRO A 273 -31.76 7.21 6.66
N ASN A 274 -31.38 8.39 6.19
CA ASN A 274 -32.26 9.55 6.28
C ASN A 274 -33.46 9.28 5.35
N VAL A 275 -34.62 8.95 5.93
CA VAL A 275 -35.80 8.63 5.12
C VAL A 275 -37.09 9.40 5.41
N GLU A 276 -37.12 10.20 6.46
CA GLU A 276 -38.32 10.96 6.78
C GLU A 276 -38.14 12.46 6.68
N GLY A 277 -39.26 13.18 6.61
CA GLY A 277 -39.21 14.62 6.54
C GLY A 277 -39.09 15.26 5.17
N TYR A 278 -38.93 14.47 4.11
CA TYR A 278 -38.83 15.07 2.79
C TYR A 278 -39.74 14.46 1.72
N GLY A 279 -40.88 13.97 2.17
CA GLY A 279 -41.87 13.39 1.29
C GLY A 279 -41.56 12.21 0.38
N LEU A 280 -40.93 11.17 0.89
CA LEU A 280 -40.64 10.00 0.05
C LEU A 280 -41.98 9.40 -0.37
N ASP A 281 -42.97 9.49 0.51
CA ASP A 281 -44.31 8.96 0.23
C ASP A 281 -45.00 9.70 -0.91
N LYS A 282 -44.82 11.02 -0.97
CA LYS A 282 -45.44 11.80 -2.04
C LYS A 282 -44.98 11.28 -3.39
N ALA A 283 -43.74 10.78 -3.43
CA ALA A 283 -43.14 10.25 -4.65
C ALA A 283 -43.43 8.76 -4.82
N GLY A 284 -43.89 8.11 -3.75
CA GLY A 284 -44.20 6.70 -3.81
C GLY A 284 -43.03 5.73 -3.66
N VAL A 285 -41.93 6.19 -3.07
CA VAL A 285 -40.78 5.33 -2.88
C VAL A 285 -40.99 4.45 -1.65
N ALA A 286 -40.65 3.18 -1.76
CA ALA A 286 -40.83 2.24 -0.66
C ALA A 286 -39.55 2.00 0.12
N LEU A 287 -39.68 1.83 1.43
CA LEU A 287 -38.55 1.56 2.29
C LEU A 287 -38.52 0.06 2.59
N THR A 288 -37.40 -0.43 3.10
CA THR A 288 -37.28 -1.85 3.44
C THR A 288 -37.72 -2.07 4.89
N ASP A 289 -37.58 -3.30 5.35
CA ASP A 289 -37.95 -3.66 6.70
C ASP A 289 -37.13 -2.87 7.71
N ARG A 290 -35.87 -2.61 7.37
CA ARG A 290 -34.98 -1.88 8.26
C ARG A 290 -35.08 -0.38 8.08
N LYS A 291 -36.11 0.05 7.36
CA LYS A 291 -36.37 1.46 7.10
C LYS A 291 -35.26 2.11 6.26
N ALA A 292 -34.90 1.44 5.18
CA ALA A 292 -33.89 1.94 4.25
C ALA A 292 -34.51 1.87 2.85
N ILE A 293 -34.30 2.92 2.06
CA ILE A 293 -34.85 2.94 0.71
C ILE A 293 -34.43 1.70 -0.06
N GLY A 294 -35.41 0.89 -0.48
CA GLY A 294 -35.10 -0.31 -1.21
C GLY A 294 -34.68 -0.01 -2.64
N VAL A 295 -33.67 -0.72 -3.13
CA VAL A 295 -33.19 -0.53 -4.49
C VAL A 295 -32.81 -1.86 -5.12
N ASP A 296 -32.78 -1.91 -6.45
CA ASP A 296 -32.39 -3.13 -7.15
C ASP A 296 -30.90 -3.00 -7.49
N ASP A 297 -30.36 -3.95 -8.24
CA ASP A 297 -28.94 -3.91 -8.57
C ASP A 297 -28.51 -2.68 -9.40
N TYR A 298 -29.44 -1.75 -9.61
CA TYR A 298 -29.11 -0.55 -10.38
C TYR A 298 -29.44 0.70 -9.58
N MET A 299 -29.59 0.54 -8.27
CA MET A 299 -29.91 1.65 -7.38
C MET A 299 -31.26 2.25 -7.77
N ARG A 300 -32.08 1.43 -8.42
CA ARG A 300 -33.39 1.85 -8.87
C ARG A 300 -34.47 1.45 -7.87
N THR A 301 -35.17 2.45 -7.32
CA THR A 301 -36.22 2.19 -6.35
C THR A 301 -37.47 1.61 -7.02
N ASN A 302 -38.51 1.40 -6.24
CA ASN A 302 -39.77 0.87 -6.75
C ASN A 302 -40.34 1.84 -7.79
N VAL A 303 -39.87 3.08 -7.75
CA VAL A 303 -40.30 4.09 -8.71
C VAL A 303 -39.23 4.13 -9.82
N GLY A 304 -39.57 3.54 -10.96
CA GLY A 304 -38.68 3.44 -12.11
C GLY A 304 -37.61 4.48 -12.36
N HIS A 305 -38.00 5.75 -12.45
CA HIS A 305 -37.05 6.82 -12.73
C HIS A 305 -36.42 7.42 -11.49
N ILE A 306 -36.65 6.78 -10.34
CA ILE A 306 -36.09 7.28 -9.09
C ILE A 306 -35.09 6.29 -8.50
N TYR A 307 -33.88 6.78 -8.23
CA TYR A 307 -32.80 5.96 -7.70
C TYR A 307 -32.40 6.38 -6.29
N ALA A 308 -31.73 5.47 -5.58
CA ALA A 308 -31.27 5.72 -4.22
C ALA A 308 -29.86 5.17 -4.06
N ILE A 309 -28.92 6.04 -3.69
CA ILE A 309 -27.52 5.65 -3.52
C ILE A 309 -26.96 6.15 -2.20
N GLY A 310 -25.78 5.64 -1.84
CA GLY A 310 -25.16 6.07 -0.61
C GLY A 310 -25.70 5.36 0.62
N ASP A 311 -25.50 5.98 1.79
CA ASP A 311 -25.95 5.40 3.04
C ASP A 311 -27.47 5.25 3.15
N VAL A 312 -28.21 6.08 2.42
CA VAL A 312 -29.66 6.02 2.49
C VAL A 312 -30.28 4.67 2.14
N ASN A 313 -29.54 3.81 1.44
CA ASN A 313 -30.07 2.49 1.08
C ASN A 313 -29.49 1.44 2.02
N GLY A 314 -28.54 1.88 2.85
CA GLY A 314 -27.90 1.04 3.83
C GLY A 314 -27.20 -0.26 3.44
N LEU A 315 -26.94 -0.46 2.15
CA LEU A 315 -26.27 -1.68 1.70
C LEU A 315 -24.87 -1.82 2.29
N LEU A 316 -24.07 -0.76 2.21
CA LEU A 316 -22.71 -0.73 2.74
C LEU A 316 -22.37 0.76 2.90
N GLN A 317 -22.62 1.28 4.09
CA GLN A 317 -22.41 2.70 4.38
C GLN A 317 -20.97 3.21 4.39
N LEU A 318 -20.42 3.41 3.19
CA LEU A 318 -19.07 3.91 3.03
C LEU A 318 -19.03 4.85 1.82
N ALA A 319 -18.10 5.79 1.85
CA ALA A 319 -17.95 6.78 0.78
C ALA A 319 -17.67 6.19 -0.61
N HIS A 320 -16.73 5.24 -0.69
CA HIS A 320 -16.42 4.66 -2.00
C HIS A 320 -17.61 3.85 -2.52
N VAL A 321 -18.43 3.34 -1.60
CA VAL A 321 -19.60 2.58 -2.01
C VAL A 321 -20.60 3.61 -2.54
N ALA A 322 -20.72 4.72 -1.83
CA ALA A 322 -21.62 5.81 -2.22
C ALA A 322 -21.29 6.30 -3.62
N GLU A 323 -20.00 6.50 -3.88
CA GLU A 323 -19.56 6.97 -5.19
C GLU A 323 -19.86 5.99 -6.32
N ALA A 324 -19.57 4.72 -6.07
CA ALA A 324 -19.79 3.68 -7.08
C ALA A 324 -21.25 3.53 -7.50
N GLN A 325 -22.17 3.52 -6.53
CA GLN A 325 -23.58 3.37 -6.84
C GLN A 325 -24.08 4.56 -7.66
N GLY A 326 -23.55 5.74 -7.38
CA GLY A 326 -23.94 6.94 -8.11
C GLY A 326 -23.57 6.83 -9.56
N VAL A 327 -22.41 6.24 -9.82
CA VAL A 327 -21.96 6.05 -11.19
C VAL A 327 -22.93 5.09 -11.88
N VAL A 328 -23.27 4.00 -11.21
CA VAL A 328 -24.19 3.01 -11.76
C VAL A 328 -25.53 3.67 -12.06
N ALA A 329 -26.03 4.46 -11.12
CA ALA A 329 -27.31 5.14 -11.31
C ALA A 329 -27.29 6.05 -12.52
N ALA A 330 -26.29 6.92 -12.60
CA ALA A 330 -26.18 7.85 -13.72
C ALA A 330 -26.08 7.13 -15.06
N GLU A 331 -25.32 6.04 -15.08
CA GLU A 331 -25.15 5.28 -16.32
C GLU A 331 -26.44 4.57 -16.72
N THR A 332 -27.16 4.04 -15.73
CA THR A 332 -28.42 3.35 -15.97
C THR A 332 -29.44 4.35 -16.52
N ILE A 333 -29.44 5.55 -15.96
CA ILE A 333 -30.35 6.61 -16.39
C ILE A 333 -30.11 6.97 -17.87
N ALA A 334 -28.86 7.18 -18.22
CA ALA A 334 -28.51 7.55 -19.59
C ALA A 334 -28.51 6.34 -20.52
N GLY A 335 -28.54 5.15 -19.93
CA GLY A 335 -28.52 3.93 -20.72
C GLY A 335 -27.14 3.64 -21.28
N ALA A 336 -26.11 4.03 -20.55
CA ALA A 336 -24.73 3.79 -20.98
C ALA A 336 -24.21 2.44 -20.48
N GLU A 337 -23.00 2.09 -20.91
CA GLU A 337 -22.38 0.85 -20.50
C GLU A 337 -22.17 0.85 -18.99
N THR A 338 -22.75 -0.14 -18.32
CA THR A 338 -22.63 -0.23 -16.87
C THR A 338 -22.47 -1.66 -16.38
N LEU A 339 -21.93 -1.79 -15.17
CA LEU A 339 -21.73 -3.08 -14.55
C LEU A 339 -22.26 -3.00 -13.13
N THR A 340 -23.20 -3.87 -12.78
CA THR A 340 -23.74 -3.87 -11.43
C THR A 340 -22.60 -4.10 -10.44
N LEU A 341 -22.71 -3.50 -9.26
CA LEU A 341 -21.67 -3.69 -8.24
C LEU A 341 -21.63 -5.14 -7.82
N GLY A 342 -22.77 -5.82 -7.93
CA GLY A 342 -22.84 -7.23 -7.56
C GLY A 342 -23.09 -7.44 -6.08
N ASP A 343 -22.53 -8.50 -5.52
CA ASP A 343 -22.71 -8.79 -4.10
C ASP A 343 -21.92 -7.78 -3.28
N HIS A 344 -22.63 -6.88 -2.61
CA HIS A 344 -21.99 -5.85 -1.80
C HIS A 344 -21.09 -6.39 -0.71
N ARG A 345 -21.26 -7.64 -0.33
CA ARG A 345 -20.41 -8.22 0.70
C ARG A 345 -18.98 -8.30 0.17
N MET A 346 -18.85 -8.37 -1.16
CA MET A 346 -17.55 -8.47 -1.82
C MET A 346 -16.84 -7.14 -1.99
N LEU A 347 -17.38 -6.08 -1.41
CA LEU A 347 -16.77 -4.76 -1.52
C LEU A 347 -15.76 -4.53 -0.41
N PRO A 348 -14.66 -3.84 -0.71
CA PRO A 348 -13.60 -3.55 0.26
C PRO A 348 -13.99 -2.53 1.33
N ARG A 349 -13.32 -2.62 2.47
CA ARG A 349 -13.54 -1.72 3.61
C ARG A 349 -12.27 -1.74 4.45
N ALA A 350 -11.99 -0.62 5.12
CA ALA A 350 -10.82 -0.52 5.97
C ALA A 350 -11.09 0.36 7.16
N THR A 351 -10.48 0.02 8.29
CA THR A 351 -10.59 0.79 9.52
C THR A 351 -9.20 1.42 9.64
N PHE A 352 -9.14 2.74 9.79
CA PHE A 352 -7.84 3.39 9.80
C PHE A 352 -7.11 3.71 11.09
N CYS A 353 -7.22 2.81 12.05
CA CYS A 353 -6.47 2.97 13.29
C CYS A 353 -5.13 2.38 12.83
N GLN A 354 -4.11 2.42 13.66
CA GLN A 354 -2.83 1.87 13.25
C GLN A 354 -2.39 0.80 14.23
N PRO A 355 -2.21 -0.44 13.76
CA PRO A 355 -2.37 -0.90 12.37
C PRO A 355 -3.79 -0.86 11.82
N ASN A 356 -3.88 -0.77 10.49
CA ASN A 356 -5.13 -0.74 9.77
C ASN A 356 -5.80 -2.11 9.74
N VAL A 357 -7.08 -2.11 9.39
CA VAL A 357 -7.83 -3.34 9.24
C VAL A 357 -8.34 -3.20 7.82
N ALA A 358 -8.21 -4.24 7.01
CA ALA A 358 -8.68 -4.19 5.64
C ALA A 358 -9.30 -5.53 5.27
N SER A 359 -10.49 -5.49 4.67
CA SER A 359 -11.17 -6.72 4.31
C SER A 359 -12.16 -6.57 3.17
N PHE A 360 -12.69 -7.70 2.72
CA PHE A 360 -13.68 -7.77 1.65
C PHE A 360 -14.21 -9.20 1.62
N GLY A 361 -15.38 -9.40 1.03
CA GLY A 361 -15.95 -10.73 0.95
C GLY A 361 -16.43 -11.30 2.28
N LEU A 362 -16.49 -12.62 2.36
CA LEU A 362 -16.98 -13.31 3.55
C LEU A 362 -15.89 -13.67 4.57
N THR A 363 -16.31 -13.74 5.83
CA THR A 363 -15.39 -14.12 6.89
C THR A 363 -15.24 -15.63 6.76
N GLU A 364 -14.30 -16.22 7.51
CA GLU A 364 -14.11 -17.66 7.44
C GLU A 364 -15.39 -18.40 7.84
N GLN A 365 -15.97 -17.98 8.96
CA GLN A 365 -17.20 -18.59 9.47
C GLN A 365 -18.37 -18.43 8.51
N GLN A 366 -18.48 -17.27 7.88
CA GLN A 366 -19.58 -17.02 6.95
C GLN A 366 -19.47 -17.93 5.73
N ALA A 367 -18.25 -18.08 5.20
CA ALA A 367 -18.02 -18.94 4.04
C ALA A 367 -18.40 -20.39 4.37
N ARG A 368 -17.99 -20.83 5.57
CA ARG A 368 -18.31 -22.19 6.01
C ARG A 368 -19.83 -22.32 6.17
N ASN A 369 -20.46 -21.30 6.71
CA ASN A 369 -21.90 -21.29 6.89
C ASN A 369 -22.63 -21.25 5.55
N GLU A 370 -22.09 -20.49 4.61
CA GLU A 370 -22.68 -20.37 3.27
C GLU A 370 -22.71 -21.72 2.59
N GLY A 371 -21.82 -22.62 3.01
CA GLY A 371 -21.77 -23.94 2.43
C GLY A 371 -20.64 -24.14 1.44
N TYR A 372 -19.70 -23.21 1.39
CA TYR A 372 -18.57 -23.34 0.46
C TYR A 372 -17.55 -24.35 0.97
N ASP A 373 -16.65 -24.77 0.09
CA ASP A 373 -15.59 -25.72 0.45
C ASP A 373 -14.40 -24.85 0.81
N VAL A 374 -14.49 -24.23 1.98
CA VAL A 374 -13.48 -23.31 2.49
C VAL A 374 -12.04 -23.80 2.52
N VAL A 375 -11.15 -22.90 2.11
CA VAL A 375 -9.71 -23.14 2.09
C VAL A 375 -9.13 -21.85 2.66
N VAL A 376 -8.33 -21.96 3.72
CA VAL A 376 -7.77 -20.79 4.36
C VAL A 376 -6.26 -20.74 4.39
N ALA A 377 -5.71 -19.58 4.07
CA ALA A 377 -4.27 -19.36 4.09
C ALA A 377 -4.03 -18.07 4.86
N LYS A 378 -3.31 -18.18 5.98
CA LYS A 378 -3.01 -17.02 6.80
C LYS A 378 -1.49 -16.85 6.92
N PHE A 379 -1.02 -15.63 6.75
CA PHE A 379 0.41 -15.34 6.82
C PHE A 379 0.64 -14.19 7.80
N PRO A 380 1.57 -14.36 8.75
CA PRO A 380 1.86 -13.30 9.73
C PRO A 380 2.93 -12.35 9.21
N PHE A 381 2.81 -11.07 9.54
CA PHE A 381 3.80 -10.11 9.09
C PHE A 381 5.15 -10.26 9.80
N THR A 382 5.20 -11.10 10.82
CA THR A 382 6.45 -11.33 11.54
C THR A 382 7.42 -12.03 10.59
N ALA A 383 6.89 -12.49 9.46
CA ALA A 383 7.70 -13.19 8.46
C ALA A 383 7.89 -12.30 7.22
N ASN A 384 7.51 -11.04 7.33
CA ASN A 384 7.61 -10.10 6.24
C ASN A 384 8.73 -9.10 6.49
N ALA A 385 9.67 -9.02 5.56
CA ALA A 385 10.81 -8.13 5.67
C ALA A 385 10.39 -6.67 5.82
N LYS A 386 9.45 -6.23 4.99
CA LYS A 386 8.97 -4.86 5.02
C LYS A 386 8.37 -4.50 6.39
N ALA A 387 7.56 -5.40 6.94
CA ALA A 387 6.92 -5.14 8.23
C ALA A 387 7.99 -4.83 9.30
N HIS A 388 9.05 -5.64 9.34
CA HIS A 388 10.13 -5.45 10.29
C HIS A 388 10.86 -4.13 10.02
N GLY A 389 11.11 -3.85 8.75
CA GLY A 389 11.78 -2.61 8.40
C GLY A 389 10.96 -1.43 8.87
N VAL A 390 9.65 -1.55 8.73
CA VAL A 390 8.72 -0.49 9.13
C VAL A 390 8.76 -0.24 10.63
N GLY A 391 8.98 -1.30 11.39
CA GLY A 391 9.02 -1.18 12.84
C GLY A 391 7.78 -1.76 13.48
N ASP A 392 6.97 -2.45 12.69
CA ASP A 392 5.74 -3.05 13.19
C ASP A 392 5.38 -4.31 12.44
N PRO A 393 5.91 -5.46 12.89
CA PRO A 393 5.67 -6.76 12.27
C PRO A 393 4.41 -7.44 12.81
N SER A 394 3.53 -6.66 13.42
CA SER A 394 2.30 -7.25 13.96
C SER A 394 1.28 -7.42 12.85
N GLY A 395 0.20 -8.12 13.16
CA GLY A 395 -0.84 -8.33 12.17
C GLY A 395 -0.64 -9.58 11.33
N PHE A 396 -1.50 -9.73 10.31
CA PHE A 396 -1.46 -10.89 9.44
C PHE A 396 -2.33 -10.66 8.20
N VAL A 397 -2.31 -11.64 7.30
CA VAL A 397 -3.10 -11.61 6.10
C VAL A 397 -3.85 -12.94 6.10
N LYS A 398 -5.16 -12.88 6.04
CA LYS A 398 -5.97 -14.09 6.04
C LYS A 398 -6.88 -14.11 4.82
N LEU A 399 -6.64 -15.07 3.93
CA LEU A 399 -7.47 -15.20 2.74
C LEU A 399 -8.35 -16.44 2.83
N VAL A 400 -9.57 -16.28 2.32
CA VAL A 400 -10.55 -17.36 2.32
C VAL A 400 -11.00 -17.66 0.89
N ALA A 401 -10.84 -18.90 0.46
CA ALA A 401 -11.23 -19.27 -0.89
C ALA A 401 -12.01 -20.59 -0.95
N ASP A 402 -12.67 -20.83 -2.07
CA ASP A 402 -13.44 -22.06 -2.27
C ASP A 402 -12.50 -23.07 -2.96
N ALA A 403 -12.56 -24.32 -2.53
CA ALA A 403 -11.69 -25.36 -3.08
C ALA A 403 -12.03 -25.85 -4.49
N LYS A 404 -13.17 -25.44 -5.02
CA LYS A 404 -13.58 -25.85 -6.36
C LYS A 404 -12.51 -25.53 -7.39
N HIS A 405 -12.23 -24.24 -7.58
CA HIS A 405 -11.21 -23.81 -8.53
C HIS A 405 -10.23 -22.86 -7.87
N GLY A 406 -10.44 -22.61 -6.58
CA GLY A 406 -9.57 -21.71 -5.86
C GLY A 406 -10.00 -20.28 -6.02
N GLU A 407 -11.30 -20.06 -6.14
CA GLU A 407 -11.82 -18.71 -6.28
C GLU A 407 -11.85 -18.08 -4.89
N LEU A 408 -11.52 -16.79 -4.82
CA LEU A 408 -11.52 -16.08 -3.55
C LEU A 408 -12.92 -15.80 -3.04
N LEU A 409 -13.08 -15.85 -1.72
CA LEU A 409 -14.36 -15.58 -1.08
C LEU A 409 -14.23 -14.39 -0.15
N GLY A 410 -13.02 -14.16 0.34
CA GLY A 410 -12.81 -13.04 1.23
C GLY A 410 -11.37 -12.84 1.65
N GLY A 411 -11.08 -11.63 2.10
CA GLY A 411 -9.74 -11.28 2.52
C GLY A 411 -9.84 -10.50 3.80
N HIS A 412 -9.01 -10.83 4.78
CA HIS A 412 -9.04 -10.16 6.06
C HIS A 412 -7.64 -9.92 6.58
N LEU A 413 -7.31 -8.66 6.80
CA LEU A 413 -5.99 -8.34 7.32
C LEU A 413 -5.93 -7.22 8.32
N VAL A 414 -4.85 -7.22 9.09
CA VAL A 414 -4.58 -6.22 10.09
C VAL A 414 -3.07 -6.02 10.02
N GLY A 415 -2.65 -4.78 9.84
CA GLY A 415 -1.22 -4.51 9.74
C GLY A 415 -0.97 -3.07 9.34
N HIS A 416 0.30 -2.68 9.34
CA HIS A 416 0.70 -1.32 9.00
C HIS A 416 0.17 -0.92 7.62
N ASP A 417 -0.74 0.05 7.60
CA ASP A 417 -1.33 0.55 6.36
C ASP A 417 -1.83 -0.53 5.37
N VAL A 418 -2.41 -1.61 5.88
CA VAL A 418 -2.89 -2.67 5.00
C VAL A 418 -4.06 -2.26 4.10
N ALA A 419 -4.72 -1.15 4.43
CA ALA A 419 -5.84 -0.69 3.62
C ALA A 419 -5.47 -0.56 2.14
N GLU A 420 -4.22 -0.20 1.87
CA GLU A 420 -3.75 -0.03 0.49
C GLU A 420 -3.57 -1.33 -0.28
N LEU A 421 -3.60 -2.47 0.41
CA LEU A 421 -3.37 -3.77 -0.21
C LEU A 421 -4.55 -4.54 -0.81
N LEU A 422 -5.76 -3.98 -0.69
CA LEU A 422 -6.95 -4.65 -1.19
C LEU A 422 -7.17 -4.74 -2.71
N PRO A 423 -6.78 -3.69 -3.47
CA PRO A 423 -6.95 -3.68 -4.93
C PRO A 423 -6.79 -4.99 -5.69
N GLU A 424 -5.65 -5.63 -5.53
CA GLU A 424 -5.35 -6.89 -6.21
C GLU A 424 -6.40 -7.96 -5.92
N LEU A 425 -6.83 -8.03 -4.67
CA LEU A 425 -7.80 -9.05 -4.26
C LEU A 425 -9.20 -8.87 -4.83
N THR A 426 -9.72 -7.65 -4.75
CA THR A 426 -11.07 -7.38 -5.24
C THR A 426 -11.11 -7.46 -6.75
N LEU A 427 -9.98 -7.13 -7.39
CA LEU A 427 -9.89 -7.18 -8.83
C LEU A 427 -9.97 -8.63 -9.27
N ALA A 428 -9.20 -9.48 -8.59
CA ALA A 428 -9.15 -10.90 -8.90
C ALA A 428 -10.49 -11.58 -8.66
N GLN A 429 -11.14 -11.26 -7.55
CA GLN A 429 -12.42 -11.88 -7.22
C GLN A 429 -13.48 -11.40 -8.20
N ARG A 430 -13.36 -10.16 -8.62
CA ARG A 430 -14.31 -9.56 -9.53
C ARG A 430 -14.28 -10.14 -10.95
N TRP A 431 -13.08 -10.43 -11.46
CA TRP A 431 -12.98 -10.95 -12.82
C TRP A 431 -12.56 -12.41 -12.92
N ASP A 432 -12.90 -13.19 -11.92
CA ASP A 432 -12.61 -14.61 -11.89
C ASP A 432 -11.16 -15.06 -12.07
N LEU A 433 -10.26 -14.47 -11.29
CA LEU A 433 -8.86 -14.85 -11.32
C LEU A 433 -8.70 -15.65 -10.04
N THR A 434 -8.36 -16.93 -10.16
CA THR A 434 -8.23 -17.78 -8.98
C THR A 434 -6.85 -17.72 -8.32
N ALA A 435 -6.68 -18.48 -7.25
CA ALA A 435 -5.44 -18.54 -6.52
C ALA A 435 -4.27 -18.86 -7.45
N SER A 436 -4.48 -19.80 -8.35
CA SER A 436 -3.44 -20.21 -9.30
C SER A 436 -2.95 -19.05 -10.16
N GLU A 437 -3.85 -18.19 -10.59
CA GLU A 437 -3.44 -17.05 -11.40
C GLU A 437 -2.73 -16.02 -10.53
N LEU A 438 -3.32 -15.75 -9.36
CA LEU A 438 -2.79 -14.79 -8.42
C LEU A 438 -1.43 -15.21 -7.90
N ALA A 439 -1.21 -16.51 -7.78
CA ALA A 439 0.06 -17.02 -7.28
C ALA A 439 1.21 -16.77 -8.25
N ARG A 440 0.90 -16.34 -9.47
CA ARG A 440 1.91 -16.08 -10.48
C ARG A 440 2.26 -14.60 -10.64
N ASN A 441 1.54 -13.73 -9.93
CA ASN A 441 1.81 -12.30 -10.00
C ASN A 441 2.99 -11.99 -9.09
N VAL A 442 4.08 -11.48 -9.65
CA VAL A 442 5.27 -11.16 -8.86
C VAL A 442 5.09 -9.87 -8.07
N HIS A 443 5.47 -9.90 -6.80
CA HIS A 443 5.36 -8.73 -5.93
C HIS A 443 6.72 -8.16 -5.57
N THR A 444 6.89 -6.86 -5.81
CA THR A 444 8.15 -6.18 -5.52
C THR A 444 8.62 -6.47 -4.10
N HIS A 445 9.94 -6.57 -3.93
CA HIS A 445 10.53 -6.84 -2.63
C HIS A 445 11.37 -5.63 -2.23
N PRO A 446 11.30 -5.19 -0.96
CA PRO A 446 10.49 -5.76 0.13
C PRO A 446 9.24 -4.94 0.39
N THR A 447 8.07 -5.57 0.29
CA THR A 447 6.81 -4.87 0.53
C THR A 447 5.83 -5.71 1.32
N MET A 448 4.82 -5.06 1.89
CA MET A 448 3.81 -5.76 2.67
C MET A 448 3.03 -6.67 1.73
N SER A 449 2.81 -6.20 0.50
CA SER A 449 2.06 -6.96 -0.49
C SER A 449 2.57 -8.39 -0.65
N GLU A 450 3.84 -8.62 -0.35
CA GLU A 450 4.41 -9.96 -0.47
C GLU A 450 3.67 -10.95 0.40
N ALA A 451 3.05 -10.46 1.48
CA ALA A 451 2.31 -11.33 2.38
C ALA A 451 1.16 -11.95 1.61
N LEU A 452 0.52 -11.14 0.76
CA LEU A 452 -0.60 -11.62 -0.05
C LEU A 452 -0.06 -12.74 -0.94
N GLN A 453 1.09 -12.48 -1.54
CA GLN A 453 1.71 -13.46 -2.43
C GLN A 453 1.87 -14.82 -1.77
N GLU A 454 2.36 -14.83 -0.53
CA GLU A 454 2.54 -16.09 0.20
C GLU A 454 1.21 -16.80 0.39
N CYS A 455 0.19 -16.04 0.78
CA CYS A 455 -1.14 -16.62 0.98
C CYS A 455 -1.65 -17.28 -0.30
N PHE A 456 -1.37 -16.67 -1.45
CA PHE A 456 -1.81 -17.25 -2.71
C PHE A 456 -1.16 -18.63 -2.83
N HIS A 457 0.13 -18.71 -2.58
CA HIS A 457 0.81 -20.00 -2.68
C HIS A 457 0.21 -20.98 -1.69
N GLY A 458 -0.15 -20.48 -0.51
CA GLY A 458 -0.75 -21.32 0.50
C GLY A 458 -2.03 -21.96 0.01
N LEU A 459 -2.84 -21.17 -0.70
CA LEU A 459 -4.09 -21.68 -1.25
C LEU A 459 -3.81 -22.72 -2.32
N VAL A 460 -2.90 -22.38 -3.23
CA VAL A 460 -2.53 -23.27 -4.32
C VAL A 460 -1.83 -24.53 -3.83
N GLY A 461 -1.12 -24.43 -2.71
CA GLY A 461 -0.43 -25.59 -2.17
C GLY A 461 0.40 -25.26 -0.96
N HIS A 462 1.68 -24.96 -1.17
CA HIS A 462 2.60 -24.63 -0.08
C HIS A 462 3.24 -23.26 -0.25
N MET A 463 3.30 -22.49 0.84
CA MET A 463 3.94 -21.18 0.80
C MET A 463 5.42 -21.51 0.65
N ILE A 464 6.25 -20.50 0.42
CA ILE A 464 7.68 -20.73 0.26
C ILE A 464 8.48 -20.17 1.42
N ASN A 465 8.21 -18.94 1.81
CA ASN A 465 8.93 -18.30 2.91
C ASN A 465 8.22 -18.43 4.26
N PHE A 466 7.71 -19.63 4.55
CA PHE A 466 7.01 -19.89 5.81
C PHE A 466 6.69 -21.38 5.97
N MET B 3 31.57 -39.48 -3.03
CA MET B 3 30.89 -38.26 -3.56
C MET B 3 29.39 -38.32 -3.44
N THR B 4 28.83 -37.44 -2.63
CA THR B 4 27.39 -37.38 -2.45
C THR B 4 26.76 -36.96 -3.77
N HIS B 5 25.57 -37.46 -4.04
CA HIS B 5 24.86 -37.13 -5.28
C HIS B 5 23.46 -36.59 -4.99
N TYR B 6 23.14 -35.45 -5.57
CA TYR B 6 21.83 -34.86 -5.37
C TYR B 6 21.13 -34.65 -6.71
N ASP B 7 19.81 -34.78 -6.70
CA ASP B 7 19.03 -34.56 -7.91
C ASP B 7 19.43 -33.16 -8.39
N VAL B 8 19.37 -32.21 -7.46
CA VAL B 8 19.71 -30.82 -7.73
C VAL B 8 20.72 -30.25 -6.73
N VAL B 9 21.53 -29.32 -7.22
CA VAL B 9 22.53 -28.66 -6.39
C VAL B 9 22.51 -27.19 -6.77
N VAL B 10 22.39 -26.33 -5.76
CA VAL B 10 22.36 -24.90 -6.02
C VAL B 10 23.62 -24.20 -5.54
N LEU B 11 24.08 -23.25 -6.32
CA LEU B 11 25.28 -22.51 -6.00
C LEU B 11 24.90 -21.09 -5.59
N GLY B 12 25.13 -20.77 -4.32
CA GLY B 12 24.79 -19.46 -3.81
C GLY B 12 23.51 -19.55 -3.01
N ALA B 13 23.51 -18.98 -1.81
CA ALA B 13 22.34 -19.01 -0.94
C ALA B 13 21.58 -17.69 -0.89
N GLY B 14 21.64 -16.92 -1.97
CA GLY B 14 20.93 -15.64 -2.01
C GLY B 14 19.44 -15.84 -2.17
N PRO B 15 18.66 -14.75 -2.34
CA PRO B 15 17.22 -14.84 -2.52
C PRO B 15 16.80 -15.83 -3.60
N GLY B 16 17.58 -15.89 -4.69
CA GLY B 16 17.25 -16.80 -5.75
C GLY B 16 17.60 -18.24 -5.41
N GLY B 17 18.81 -18.41 -4.88
CA GLY B 17 19.27 -19.74 -4.54
C GLY B 17 18.47 -20.48 -3.48
N TYR B 18 18.32 -19.88 -2.31
CA TYR B 18 17.60 -20.54 -1.24
C TYR B 18 16.14 -20.79 -1.58
N VAL B 19 15.56 -19.99 -2.45
CA VAL B 19 14.17 -20.17 -2.84
C VAL B 19 14.04 -21.28 -3.90
N ALA B 20 15.02 -21.36 -4.80
CA ALA B 20 15.02 -22.37 -5.84
C ALA B 20 15.19 -23.74 -5.19
N ALA B 21 15.93 -23.78 -4.09
CA ALA B 21 16.16 -25.01 -3.36
C ALA B 21 14.87 -25.42 -2.67
N ILE B 22 14.19 -24.44 -2.07
CA ILE B 22 12.94 -24.72 -1.37
C ILE B 22 11.91 -25.28 -2.34
N ARG B 23 11.81 -24.70 -3.54
CA ARG B 23 10.85 -25.16 -4.53
C ARG B 23 11.22 -26.56 -5.02
N ALA B 24 12.52 -26.79 -5.16
CA ALA B 24 13.02 -28.08 -5.61
C ALA B 24 12.61 -29.12 -4.58
N ALA B 25 12.90 -28.84 -3.32
CA ALA B 25 12.57 -29.75 -2.22
C ALA B 25 11.08 -30.08 -2.20
N GLN B 26 10.23 -29.07 -2.37
CA GLN B 26 8.78 -29.28 -2.38
C GLN B 26 8.37 -30.24 -3.50
N LEU B 27 9.03 -30.12 -4.65
CA LEU B 27 8.73 -30.98 -5.80
C LEU B 27 9.40 -32.34 -5.68
N GLY B 28 9.89 -32.63 -4.48
CA GLY B 28 10.53 -33.91 -4.23
C GLY B 28 11.89 -34.12 -4.87
N LEU B 29 12.71 -33.09 -4.87
CA LEU B 29 14.03 -33.19 -5.46
C LEU B 29 15.14 -33.15 -4.42
N SER B 30 15.97 -34.19 -4.41
CA SER B 30 17.10 -34.27 -3.49
C SER B 30 17.89 -32.99 -3.74
N THR B 31 17.96 -32.12 -2.73
CA THR B 31 18.65 -30.84 -2.88
C THR B 31 19.78 -30.55 -1.91
N ALA B 32 20.74 -29.78 -2.39
CA ALA B 32 21.89 -29.36 -1.60
C ALA B 32 22.24 -27.97 -2.07
N ILE B 33 22.50 -27.06 -1.13
CA ILE B 33 22.84 -25.69 -1.47
C ILE B 33 24.24 -25.32 -1.00
N VAL B 34 25.03 -24.72 -1.88
CA VAL B 34 26.40 -24.36 -1.56
C VAL B 34 26.62 -22.86 -1.37
N GLU B 35 26.99 -22.47 -0.15
CA GLU B 35 27.24 -21.07 0.17
C GLU B 35 28.39 -20.96 1.15
N PRO B 36 29.40 -20.13 0.83
CA PRO B 36 30.57 -19.95 1.69
C PRO B 36 30.48 -18.78 2.67
N LYS B 37 29.64 -17.79 2.38
CA LYS B 37 29.56 -16.63 3.25
C LYS B 37 28.20 -16.09 3.63
N TYR B 38 27.41 -15.71 2.64
CA TYR B 38 26.11 -15.11 2.89
C TYR B 38 24.87 -15.96 2.69
N TRP B 39 24.32 -16.47 3.79
CA TRP B 39 23.09 -17.23 3.70
C TRP B 39 22.00 -16.17 3.66
N GLY B 40 21.35 -16.05 2.51
CA GLY B 40 20.35 -15.03 2.30
C GLY B 40 21.00 -14.05 1.34
N GLY B 41 22.24 -14.36 0.97
CA GLY B 41 23.00 -13.55 0.03
C GLY B 41 23.21 -12.10 0.42
N VAL B 42 23.28 -11.25 -0.60
CA VAL B 42 23.47 -9.81 -0.39
C VAL B 42 22.22 -9.18 0.19
N CYS B 43 21.08 -9.50 -0.42
CA CYS B 43 19.77 -8.98 0.00
C CYS B 43 19.53 -8.99 1.50
N LEU B 44 19.51 -10.18 2.09
CA LEU B 44 19.23 -10.32 3.52
C LEU B 44 20.35 -9.86 4.44
N ASN B 45 21.59 -10.01 4.00
CA ASN B 45 22.73 -9.63 4.82
C ASN B 45 23.17 -8.18 4.76
N VAL B 46 23.45 -7.67 3.56
CA VAL B 46 23.91 -6.30 3.41
C VAL B 46 23.20 -5.58 2.27
N GLY B 47 21.97 -6.00 1.98
CA GLY B 47 21.21 -5.37 0.92
C GLY B 47 19.81 -5.00 1.32
N CYS B 48 18.83 -5.51 0.59
CA CYS B 48 17.42 -5.25 0.84
C CYS B 48 17.04 -4.98 2.31
N ILE B 49 17.17 -6.03 3.11
CA ILE B 49 16.83 -6.03 4.52
C ILE B 49 17.41 -4.90 5.36
N PRO B 50 18.74 -4.88 5.57
CA PRO B 50 19.25 -3.77 6.38
C PRO B 50 18.95 -2.41 5.77
N SER B 51 18.99 -2.36 4.45
CA SER B 51 18.75 -1.15 3.67
C SER B 51 17.41 -0.49 3.98
N LYS B 52 16.32 -1.24 3.84
CA LYS B 52 15.00 -0.66 4.08
C LYS B 52 14.66 -0.36 5.54
N ALA B 53 15.48 -0.85 6.45
CA ALA B 53 15.26 -0.56 7.87
C ALA B 53 15.81 0.85 8.08
N LEU B 54 16.98 1.10 7.49
CA LEU B 54 17.64 2.40 7.57
C LEU B 54 16.80 3.48 6.91
N LEU B 55 16.18 3.14 5.79
CA LEU B 55 15.33 4.08 5.07
C LEU B 55 14.17 4.52 5.97
N ARG B 56 13.68 3.59 6.79
CA ARG B 56 12.59 3.89 7.70
C ARG B 56 13.07 4.87 8.79
N ASN B 57 14.27 4.64 9.32
CA ASN B 57 14.80 5.54 10.34
C ASN B 57 15.00 6.93 9.74
N ALA B 58 15.55 6.99 8.55
CA ALA B 58 15.78 8.26 7.88
C ALA B 58 14.43 8.95 7.62
N GLU B 59 13.43 8.17 7.24
CA GLU B 59 12.10 8.73 6.99
C GLU B 59 11.57 9.46 8.24
N LEU B 60 11.78 8.87 9.41
CA LEU B 60 11.31 9.48 10.65
C LEU B 60 12.06 10.79 10.94
N VAL B 61 13.37 10.77 10.75
CA VAL B 61 14.18 11.96 10.96
C VAL B 61 13.65 13.06 10.06
N HIS B 62 13.28 12.69 8.84
CA HIS B 62 12.76 13.62 7.86
C HIS B 62 11.48 14.28 8.37
N ILE B 63 10.59 13.48 8.95
CA ILE B 63 9.33 13.98 9.46
C ILE B 63 9.52 14.83 10.72
N PHE B 64 10.05 14.21 11.77
CA PHE B 64 10.27 14.91 13.04
C PHE B 64 11.28 16.05 12.89
N THR B 65 11.49 16.51 11.66
CA THR B 65 12.44 17.59 11.40
C THR B 65 11.89 18.68 10.48
N LYS B 66 11.14 18.29 9.46
CA LYS B 66 10.59 19.28 8.54
C LYS B 66 9.12 19.56 8.82
N ASP B 67 8.39 18.54 9.21
CA ASP B 67 6.96 18.70 9.46
C ASP B 67 6.54 18.63 10.92
N ALA B 68 7.51 18.63 11.81
CA ALA B 68 7.25 18.57 13.23
C ALA B 68 6.29 19.69 13.65
N LYS B 69 6.59 20.91 13.26
CA LYS B 69 5.77 22.06 13.60
C LYS B 69 4.39 21.99 12.92
N ALA B 70 4.38 21.58 11.66
CA ALA B 70 3.14 21.47 10.92
C ALA B 70 2.25 20.40 11.55
N PHE B 71 2.86 19.44 12.23
CA PHE B 71 2.11 18.38 12.89
C PHE B 71 1.81 18.64 14.36
N GLY B 72 2.11 19.86 14.83
CA GLY B 72 1.85 20.19 16.21
C GLY B 72 2.85 19.55 17.16
N ILE B 73 4.01 19.18 16.64
CA ILE B 73 5.06 18.56 17.45
C ILE B 73 6.14 19.59 17.83
N SER B 74 6.40 19.70 19.13
CA SER B 74 7.41 20.63 19.61
C SER B 74 8.34 19.96 20.61
N GLY B 75 9.56 20.48 20.68
CA GLY B 75 10.56 19.92 21.58
C GLY B 75 11.81 19.63 20.78
N GLU B 76 12.98 19.93 21.35
CA GLU B 76 14.23 19.68 20.67
C GLU B 76 14.66 18.23 20.84
N VAL B 77 14.59 17.48 19.74
CA VAL B 77 14.95 16.08 19.76
C VAL B 77 16.14 15.79 18.84
N THR B 78 16.88 14.73 19.16
CA THR B 78 18.05 14.34 18.37
C THR B 78 17.94 12.87 17.94
N PHE B 79 18.70 12.50 16.92
CA PHE B 79 18.67 11.12 16.41
C PHE B 79 20.06 10.50 16.35
N ASP B 80 20.16 9.27 16.86
CA ASP B 80 21.42 8.56 16.86
C ASP B 80 21.45 7.50 15.77
N TYR B 81 22.26 7.74 14.73
CA TYR B 81 22.36 6.81 13.62
C TYR B 81 22.84 5.45 14.11
N GLY B 82 23.61 5.45 15.20
CA GLY B 82 24.11 4.22 15.75
C GLY B 82 22.97 3.27 16.06
N ILE B 83 21.91 3.80 16.64
CA ILE B 83 20.74 2.99 16.98
C ILE B 83 20.09 2.47 15.71
N ALA B 84 20.02 3.32 14.68
CA ALA B 84 19.43 2.91 13.41
C ALA B 84 20.25 1.76 12.86
N TYR B 85 21.57 1.89 12.96
CA TYR B 85 22.48 0.86 12.47
C TYR B 85 22.25 -0.46 13.19
N ASP B 86 22.18 -0.41 14.52
CA ASP B 86 21.98 -1.61 15.31
C ASP B 86 20.68 -2.31 14.96
N ARG B 87 19.64 -1.54 14.68
CA ARG B 87 18.35 -2.12 14.36
C ARG B 87 18.39 -2.83 13.00
N SER B 88 19.10 -2.24 12.03
CA SER B 88 19.19 -2.85 10.70
C SER B 88 19.91 -4.19 10.76
N ARG B 89 20.93 -4.29 11.62
CA ARG B 89 21.69 -5.52 11.75
C ARG B 89 20.85 -6.63 12.39
N LYS B 90 19.99 -6.26 13.34
CA LYS B 90 19.12 -7.24 14.00
C LYS B 90 18.14 -7.79 12.97
N VAL B 91 17.51 -6.91 12.21
CA VAL B 91 16.55 -7.34 11.19
C VAL B 91 17.26 -8.30 10.25
N ALA B 92 18.48 -7.95 9.86
CA ALA B 92 19.26 -8.80 8.97
C ALA B 92 19.44 -10.18 9.62
N GLU B 93 19.90 -10.17 10.88
CA GLU B 93 20.12 -11.42 11.63
C GLU B 93 18.88 -12.29 11.65
N GLY B 94 17.72 -11.66 11.83
CA GLY B 94 16.47 -12.39 11.88
C GLY B 94 16.18 -13.13 10.59
N ARG B 95 16.20 -12.41 9.46
CA ARG B 95 15.95 -13.03 8.18
C ARG B 95 16.94 -14.14 7.89
N VAL B 96 18.22 -13.89 8.20
CA VAL B 96 19.27 -14.88 7.97
C VAL B 96 19.02 -16.16 8.77
N ALA B 97 18.54 -16.00 10.00
CA ALA B 97 18.26 -17.16 10.84
C ALA B 97 17.06 -17.89 10.23
N GLY B 98 16.17 -17.11 9.64
CA GLY B 98 14.99 -17.66 9.01
C GLY B 98 15.29 -18.51 7.80
N VAL B 99 16.38 -18.22 7.11
CA VAL B 99 16.75 -19.00 5.94
C VAL B 99 17.13 -20.41 6.36
N HIS B 100 17.98 -20.52 7.38
CA HIS B 100 18.42 -21.83 7.88
C HIS B 100 17.20 -22.65 8.33
N PHE B 101 16.22 -21.98 8.91
CA PHE B 101 15.01 -22.65 9.36
C PHE B 101 14.33 -23.31 8.16
N LEU B 102 14.22 -22.54 7.09
CA LEU B 102 13.60 -23.01 5.85
C LEU B 102 14.37 -24.18 5.24
N MET B 103 15.70 -24.09 5.26
CA MET B 103 16.53 -25.15 4.70
C MET B 103 16.31 -26.43 5.50
N LYS B 104 16.12 -26.28 6.81
CA LYS B 104 15.91 -27.38 7.72
C LYS B 104 14.52 -27.99 7.52
N LYS B 105 13.51 -27.12 7.58
CA LYS B 105 12.14 -27.54 7.40
C LYS B 105 11.94 -28.34 6.11
N ASN B 106 12.70 -28.00 5.07
CA ASN B 106 12.58 -28.67 3.79
C ASN B 106 13.59 -29.79 3.52
N LYS B 107 14.28 -30.23 4.56
CA LYS B 107 15.26 -31.32 4.43
C LYS B 107 16.35 -30.99 3.40
N ILE B 108 16.64 -29.71 3.23
CA ILE B 108 17.66 -29.31 2.28
C ILE B 108 19.06 -29.42 2.88
N THR B 109 19.95 -30.10 2.18
CA THR B 109 21.32 -30.29 2.64
C THR B 109 22.12 -29.00 2.47
N GLU B 110 22.80 -28.59 3.53
CA GLU B 110 23.60 -27.37 3.48
C GLU B 110 25.08 -27.68 3.40
N ILE B 111 25.74 -27.06 2.41
CA ILE B 111 27.18 -27.24 2.22
C ILE B 111 27.83 -25.88 2.45
N HIS B 112 28.66 -25.80 3.48
CA HIS B 112 29.31 -24.54 3.83
C HIS B 112 30.71 -24.39 3.23
N GLY B 113 30.76 -23.80 2.04
CA GLY B 113 32.03 -23.59 1.37
C GLY B 113 31.86 -22.94 0.01
N TYR B 114 32.94 -22.92 -0.77
CA TYR B 114 32.95 -22.33 -2.10
C TYR B 114 32.89 -23.42 -3.18
N GLY B 115 31.91 -23.33 -4.07
CA GLY B 115 31.77 -24.32 -5.12
C GLY B 115 32.48 -23.95 -6.42
N THR B 116 33.11 -24.94 -7.04
CA THR B 116 33.81 -24.75 -8.30
C THR B 116 33.49 -25.92 -9.24
N PHE B 117 32.96 -25.61 -10.41
CA PHE B 117 32.65 -26.67 -11.36
C PHE B 117 33.92 -27.33 -11.85
N ALA B 118 33.93 -28.65 -11.85
CA ALA B 118 35.07 -29.41 -12.31
C ALA B 118 34.61 -30.25 -13.48
N ASP B 119 33.31 -30.20 -13.74
CA ASP B 119 32.71 -30.98 -14.80
C ASP B 119 31.26 -30.52 -14.92
N ALA B 120 30.59 -30.92 -16.00
CA ALA B 120 29.20 -30.53 -16.20
C ALA B 120 28.25 -31.14 -15.17
N ASN B 121 28.73 -32.15 -14.45
CA ASN B 121 27.92 -32.81 -13.43
C ASN B 121 28.67 -33.00 -12.12
N THR B 122 29.84 -32.38 -12.01
CA THR B 122 30.65 -32.50 -10.81
C THR B 122 31.02 -31.14 -10.23
N LEU B 123 30.88 -31.02 -8.92
CA LEU B 123 31.19 -29.77 -8.25
C LEU B 123 32.13 -29.96 -7.08
N LEU B 124 33.32 -29.39 -7.17
CA LEU B 124 34.31 -29.46 -6.10
C LEU B 124 34.04 -28.32 -5.13
N VAL B 125 34.03 -28.61 -3.83
CA VAL B 125 33.79 -27.57 -2.85
C VAL B 125 34.95 -27.42 -1.87
N ASP B 126 35.25 -26.18 -1.53
CA ASP B 126 36.31 -25.88 -0.59
C ASP B 126 35.63 -25.46 0.71
N LEU B 127 35.30 -26.45 1.52
CA LEU B 127 34.63 -26.23 2.81
C LEU B 127 35.30 -25.12 3.62
N ASN B 128 34.49 -24.38 4.37
CA ASN B 128 35.01 -23.29 5.18
C ASN B 128 35.91 -23.75 6.33
N ASP B 129 35.81 -25.02 6.69
CA ASP B 129 36.64 -25.54 7.78
C ASP B 129 37.92 -26.18 7.27
N GLY B 130 38.29 -25.85 6.02
CA GLY B 130 39.51 -26.39 5.45
C GLY B 130 39.29 -27.66 4.65
N GLY B 131 38.26 -28.41 5.00
CA GLY B 131 37.99 -29.65 4.29
C GLY B 131 37.74 -29.46 2.80
N THR B 132 37.43 -30.56 2.12
CA THR B 132 37.16 -30.57 0.69
C THR B 132 36.22 -31.74 0.40
N GLU B 133 35.24 -31.51 -0.45
CA GLU B 133 34.31 -32.57 -0.82
C GLU B 133 33.73 -32.27 -2.18
N SER B 134 33.59 -33.30 -3.00
CA SER B 134 33.04 -33.14 -4.33
C SER B 134 31.66 -33.76 -4.39
N VAL B 135 30.78 -33.17 -5.19
CA VAL B 135 29.43 -33.65 -5.31
C VAL B 135 29.00 -33.76 -6.78
N THR B 136 28.17 -34.76 -7.06
CA THR B 136 27.66 -34.98 -8.40
C THR B 136 26.22 -34.49 -8.41
N PHE B 137 25.66 -34.29 -9.59
CA PHE B 137 24.30 -33.81 -9.70
C PHE B 137 23.74 -33.99 -11.10
N ASP B 138 22.43 -34.18 -11.20
CA ASP B 138 21.79 -34.34 -12.51
C ASP B 138 21.42 -32.96 -13.04
N ASN B 139 21.23 -32.01 -12.13
CA ASN B 139 20.88 -30.64 -12.47
C ASN B 139 21.59 -29.68 -11.53
N ALA B 140 21.90 -28.48 -12.02
CA ALA B 140 22.58 -27.47 -11.22
C ALA B 140 21.98 -26.08 -11.45
N ILE B 141 21.78 -25.34 -10.37
CA ILE B 141 21.24 -23.99 -10.45
C ILE B 141 22.27 -22.96 -9.98
N ILE B 142 22.76 -22.15 -10.92
CA ILE B 142 23.76 -21.14 -10.62
C ILE B 142 23.12 -19.83 -10.18
N ALA B 143 23.25 -19.50 -8.90
CA ALA B 143 22.69 -18.27 -8.37
C ALA B 143 23.81 -17.55 -7.64
N THR B 144 24.92 -17.37 -8.35
CA THR B 144 26.10 -16.74 -7.79
C THR B 144 26.06 -15.22 -7.59
N GLY B 145 24.97 -14.59 -8.03
CA GLY B 145 24.82 -13.16 -7.85
C GLY B 145 25.74 -12.25 -8.65
N SER B 146 25.92 -11.04 -8.14
CA SER B 146 26.77 -10.05 -8.82
C SER B 146 27.65 -9.30 -7.83
N SER B 147 28.60 -8.55 -8.37
CA SER B 147 29.52 -7.75 -7.58
C SER B 147 29.51 -6.31 -8.11
N THR B 148 29.80 -5.36 -7.22
CA THR B 148 29.81 -3.97 -7.58
C THR B 148 30.85 -3.66 -8.66
N ARG B 149 30.43 -2.95 -9.70
CA ARG B 149 31.28 -2.56 -10.81
C ARG B 149 31.93 -1.24 -10.42
N LEU B 150 33.26 -1.17 -10.51
CA LEU B 150 33.98 0.05 -10.15
C LEU B 150 34.19 0.95 -11.35
N VAL B 151 34.30 2.25 -11.09
CA VAL B 151 34.56 3.22 -12.15
C VAL B 151 35.90 2.83 -12.74
N PRO B 152 35.96 2.61 -14.05
CA PRO B 152 37.21 2.22 -14.72
C PRO B 152 38.45 3.00 -14.26
N GLY B 153 39.48 2.27 -13.87
CA GLY B 153 40.71 2.90 -13.43
C GLY B 153 40.78 3.10 -11.93
N THR B 154 39.62 3.28 -11.30
CA THR B 154 39.56 3.50 -9.86
C THR B 154 39.67 2.17 -9.13
N SER B 155 39.72 2.25 -7.80
CA SER B 155 39.82 1.06 -6.97
C SER B 155 39.30 1.33 -5.57
N LEU B 156 39.07 0.26 -4.82
CA LEU B 156 38.58 0.38 -3.45
C LEU B 156 39.71 0.70 -2.48
N SER B 157 39.34 1.37 -1.40
CA SER B 157 40.31 1.74 -0.36
C SER B 157 39.56 2.10 0.90
N ALA B 158 40.28 2.63 1.89
CA ALA B 158 39.66 3.01 3.15
C ALA B 158 38.50 3.98 2.97
N ASN B 159 38.65 4.95 2.07
CA ASN B 159 37.60 5.93 1.88
C ASN B 159 36.79 5.79 0.58
N VAL B 160 37.18 4.86 -0.27
CA VAL B 160 36.43 4.61 -1.49
C VAL B 160 35.85 3.23 -1.24
N VAL B 161 34.52 3.14 -1.15
CA VAL B 161 33.89 1.88 -0.82
C VAL B 161 32.69 1.44 -1.67
N THR B 162 32.23 0.23 -1.40
CA THR B 162 31.05 -0.33 -2.06
C THR B 162 29.94 -0.23 -1.03
N TYR B 163 28.73 -0.54 -1.47
CA TYR B 163 27.55 -0.49 -0.61
C TYR B 163 27.80 -1.29 0.66
N GLU B 164 28.57 -2.36 0.54
CA GLU B 164 28.86 -3.24 1.65
C GLU B 164 29.55 -2.58 2.83
N GLU B 165 30.71 -1.97 2.58
CA GLU B 165 31.44 -1.32 3.66
C GLU B 165 30.63 -0.16 4.24
N GLN B 166 29.89 0.52 3.38
CA GLN B 166 29.08 1.65 3.82
C GLN B 166 27.88 1.21 4.63
N ILE B 167 27.17 0.21 4.15
CA ILE B 167 25.98 -0.28 4.84
C ILE B 167 26.35 -0.86 6.21
N LEU B 168 27.56 -1.40 6.32
CA LEU B 168 28.02 -1.98 7.58
C LEU B 168 28.79 -0.99 8.45
N SER B 169 28.65 0.29 8.13
CA SER B 169 29.33 1.34 8.86
C SER B 169 28.41 1.98 9.91
N ARG B 170 28.72 1.78 11.18
CA ARG B 170 27.89 2.32 12.26
C ARG B 170 28.10 3.83 12.43
N GLU B 171 29.25 4.32 11.98
CA GLU B 171 29.56 5.73 12.07
C GLU B 171 29.41 6.36 10.69
N LEU B 172 28.86 7.57 10.65
CA LEU B 172 28.67 8.27 9.39
C LEU B 172 29.71 9.34 9.14
N PRO B 173 30.15 9.50 7.89
CA PRO B 173 31.15 10.50 7.53
C PRO B 173 30.52 11.91 7.51
N LYS B 174 31.36 12.93 7.42
CA LYS B 174 30.86 14.31 7.39
C LYS B 174 30.24 14.61 6.03
N SER B 175 30.86 14.08 4.99
CA SER B 175 30.40 14.29 3.63
C SER B 175 30.64 13.04 2.81
N ILE B 176 30.05 13.01 1.61
CA ILE B 176 30.21 11.86 0.74
C ILE B 176 29.83 12.14 -0.70
N ILE B 177 30.52 11.45 -1.60
CA ILE B 177 30.25 11.58 -3.02
C ILE B 177 29.83 10.20 -3.50
N ILE B 178 28.64 10.12 -4.08
CA ILE B 178 28.11 8.86 -4.58
C ILE B 178 28.14 8.85 -6.10
N ALA B 179 28.75 7.83 -6.67
CA ALA B 179 28.83 7.69 -8.13
C ALA B 179 27.72 6.76 -8.60
N GLY B 180 26.76 7.31 -9.33
CA GLY B 180 25.65 6.52 -9.83
C GLY B 180 24.35 6.98 -9.19
N ALA B 181 23.40 7.40 -10.02
CA ALA B 181 22.11 7.86 -9.53
C ALA B 181 21.01 6.81 -9.70
N GLY B 182 21.37 5.55 -9.49
CA GLY B 182 20.40 4.48 -9.58
C GLY B 182 19.74 4.36 -8.21
N ALA B 183 18.78 3.47 -8.07
CA ALA B 183 18.10 3.31 -6.79
C ALA B 183 19.06 3.16 -5.62
N ILE B 184 20.03 2.26 -5.72
CA ILE B 184 20.99 2.05 -4.65
C ILE B 184 21.71 3.35 -4.25
N GLY B 185 22.13 4.13 -5.24
CA GLY B 185 22.81 5.37 -4.95
C GLY B 185 21.90 6.40 -4.32
N MET B 186 20.70 6.54 -4.87
CA MET B 186 19.72 7.49 -4.36
C MET B 186 19.29 7.17 -2.92
N GLU B 187 19.13 5.89 -2.61
CA GLU B 187 18.71 5.49 -1.26
C GLU B 187 19.78 5.86 -0.23
N PHE B 188 21.03 5.52 -0.49
CA PHE B 188 22.09 5.87 0.47
C PHE B 188 22.07 7.39 0.64
N GLY B 189 21.79 8.10 -0.45
CA GLY B 189 21.73 9.56 -0.40
C GLY B 189 20.61 10.04 0.52
N TYR B 190 19.43 9.47 0.37
CA TYR B 190 18.29 9.84 1.21
C TYR B 190 18.63 9.66 2.69
N VAL B 191 19.14 8.47 3.05
CA VAL B 191 19.49 8.19 4.44
C VAL B 191 20.57 9.14 4.96
N LEU B 192 21.76 9.06 4.36
CA LEU B 192 22.86 9.90 4.78
C LEU B 192 22.51 11.38 4.90
N LYS B 193 21.86 11.93 3.89
CA LYS B 193 21.50 13.34 3.94
C LYS B 193 20.62 13.66 5.15
N ASN B 194 19.65 12.79 5.41
CA ASN B 194 18.75 12.99 6.54
C ASN B 194 19.49 12.93 7.87
N TYR B 195 20.58 12.16 7.92
CA TYR B 195 21.36 12.09 9.16
C TYR B 195 22.44 13.14 9.25
N GLY B 196 22.32 14.16 8.40
CA GLY B 196 23.26 15.27 8.43
C GLY B 196 24.55 15.18 7.61
N VAL B 197 24.63 14.22 6.70
CA VAL B 197 25.84 14.10 5.88
C VAL B 197 25.72 14.92 4.61
N ASP B 198 26.81 15.57 4.20
CA ASP B 198 26.79 16.35 2.97
C ASP B 198 26.78 15.30 1.86
N VAL B 199 25.84 15.44 0.93
CA VAL B 199 25.72 14.46 -0.14
C VAL B 199 25.71 15.03 -1.55
N THR B 200 26.55 14.45 -2.39
CA THR B 200 26.65 14.85 -3.79
C THR B 200 26.61 13.56 -4.59
N ILE B 201 25.68 13.47 -5.53
CA ILE B 201 25.55 12.28 -6.36
C ILE B 201 25.83 12.63 -7.81
N VAL B 202 26.75 11.87 -8.41
CA VAL B 202 27.14 12.07 -9.79
C VAL B 202 26.59 10.96 -10.69
N GLU B 203 26.02 11.35 -11.82
CA GLU B 203 25.45 10.39 -12.76
C GLU B 203 25.83 10.73 -14.21
N PHE B 204 26.46 9.77 -14.89
CA PHE B 204 26.88 9.97 -16.27
C PHE B 204 25.71 10.32 -17.16
N LEU B 205 24.63 9.55 -17.03
CA LEU B 205 23.43 9.78 -17.83
C LEU B 205 22.81 11.15 -17.53
N PRO B 206 21.93 11.63 -18.42
CA PRO B 206 21.25 12.93 -18.29
C PRO B 206 20.25 13.07 -17.14
N ARG B 207 19.75 11.95 -16.63
CA ARG B 207 18.76 11.97 -15.56
C ARG B 207 19.06 11.02 -14.41
N ALA B 208 18.56 11.36 -13.24
CA ALA B 208 18.72 10.50 -12.07
C ALA B 208 17.74 9.36 -12.33
N LEU B 209 17.99 8.19 -11.75
CA LEU B 209 17.12 7.04 -11.98
C LEU B 209 16.77 7.00 -13.46
N PRO B 210 17.81 6.96 -14.32
CA PRO B 210 17.65 6.93 -15.78
C PRO B 210 16.80 5.81 -16.36
N ASN B 211 16.59 4.74 -15.60
CA ASN B 211 15.79 3.62 -16.10
C ASN B 211 14.29 3.85 -15.93
N GLU B 212 13.93 4.86 -15.15
CA GLU B 212 12.53 5.17 -14.92
C GLU B 212 11.99 6.06 -16.03
N ASP B 213 10.71 6.42 -15.96
CA ASP B 213 10.11 7.28 -16.94
C ASP B 213 10.62 8.69 -16.69
N ALA B 214 10.76 9.47 -17.75
CA ALA B 214 11.26 10.84 -17.66
C ALA B 214 10.54 11.72 -16.63
N ASP B 215 9.22 11.63 -16.57
CA ASP B 215 8.47 12.44 -15.61
C ASP B 215 8.86 12.10 -14.17
N VAL B 216 9.23 10.84 -13.94
CA VAL B 216 9.61 10.38 -12.61
C VAL B 216 10.99 10.88 -12.20
N SER B 217 11.91 10.91 -13.16
CA SER B 217 13.26 11.37 -12.87
C SER B 217 13.24 12.84 -12.47
N LYS B 218 12.41 13.64 -13.12
CA LYS B 218 12.34 15.07 -12.83
C LYS B 218 11.78 15.32 -11.44
N GLU B 219 10.66 14.69 -11.12
CA GLU B 219 10.03 14.87 -9.83
C GLU B 219 11.00 14.50 -8.72
N ILE B 220 11.61 13.33 -8.83
CA ILE B 220 12.55 12.86 -7.81
C ILE B 220 13.74 13.80 -7.65
N GLU B 221 14.23 14.34 -8.76
CA GLU B 221 15.36 15.26 -8.73
C GLU B 221 14.97 16.55 -8.04
N LYS B 222 13.71 16.93 -8.18
CA LYS B 222 13.21 18.14 -7.55
C LYS B 222 13.11 17.88 -6.04
N GLN B 223 12.67 16.68 -5.68
CA GLN B 223 12.53 16.29 -4.28
C GLN B 223 13.88 16.28 -3.56
N PHE B 224 14.87 15.64 -4.18
CA PHE B 224 16.20 15.57 -3.59
C PHE B 224 16.88 16.94 -3.47
N LYS B 225 16.73 17.78 -4.49
CA LYS B 225 17.35 19.11 -4.43
C LYS B 225 16.81 19.83 -3.21
N LYS B 226 15.51 19.67 -2.97
CA LYS B 226 14.86 20.29 -1.82
C LYS B 226 15.38 19.68 -0.52
N LEU B 227 15.59 18.38 -0.54
CA LEU B 227 16.10 17.67 0.64
C LEU B 227 17.50 18.18 0.97
N GLY B 228 18.15 18.83 0.01
CA GLY B 228 19.48 19.35 0.24
C GLY B 228 20.59 18.56 -0.42
N VAL B 229 20.22 17.55 -1.20
CA VAL B 229 21.19 16.70 -1.88
C VAL B 229 21.55 17.27 -3.26
N THR B 230 22.86 17.31 -3.55
CA THR B 230 23.31 17.83 -4.84
C THR B 230 23.51 16.71 -5.85
N ILE B 231 22.74 16.75 -6.94
CA ILE B 231 22.83 15.72 -7.98
C ILE B 231 23.32 16.32 -9.30
N LEU B 232 24.45 15.81 -9.78
CA LEU B 232 25.04 16.29 -11.03
C LEU B 232 24.82 15.28 -12.15
N THR B 233 23.92 15.59 -13.07
CA THR B 233 23.62 14.72 -14.20
C THR B 233 24.48 15.04 -15.41
N ALA B 234 24.60 14.08 -16.32
CA ALA B 234 25.41 14.25 -17.52
C ALA B 234 26.84 14.65 -17.14
N THR B 235 27.32 14.09 -16.03
CA THR B 235 28.66 14.37 -15.54
C THR B 235 29.43 13.06 -15.43
N LYS B 236 30.61 13.02 -16.04
CA LYS B 236 31.45 11.84 -16.03
C LYS B 236 32.51 11.85 -14.94
N VAL B 237 32.56 10.77 -14.15
CA VAL B 237 33.56 10.67 -13.10
C VAL B 237 34.82 10.17 -13.80
N GLU B 238 35.84 11.03 -13.88
CA GLU B 238 37.09 10.67 -14.55
C GLU B 238 37.97 9.80 -13.65
N SER B 239 38.36 10.34 -12.48
CA SER B 239 39.20 9.61 -11.56
C SER B 239 38.76 9.78 -10.11
N ILE B 240 39.27 8.91 -9.24
CA ILE B 240 38.96 8.94 -7.82
C ILE B 240 40.28 8.79 -7.08
N ALA B 241 40.65 9.81 -6.30
CA ALA B 241 41.91 9.78 -5.55
C ALA B 241 41.71 9.87 -4.04
N ASP B 242 42.03 8.79 -3.35
CA ASP B 242 41.90 8.74 -1.90
C ASP B 242 43.21 9.18 -1.26
N GLY B 243 43.23 10.41 -0.75
CA GLY B 243 44.43 10.94 -0.12
C GLY B 243 44.45 10.75 1.38
N GLY B 244 43.60 9.85 1.88
CA GLY B 244 43.55 9.59 3.31
C GLY B 244 42.66 10.55 4.07
N SER B 245 43.18 11.74 4.35
CA SER B 245 42.42 12.76 5.08
C SER B 245 41.15 13.15 4.32
N GLN B 246 41.15 12.88 3.02
CA GLN B 246 40.00 13.18 2.16
C GLN B 246 40.17 12.52 0.80
N VAL B 247 39.10 12.51 0.00
CA VAL B 247 39.16 11.90 -1.31
C VAL B 247 38.82 12.92 -2.38
N THR B 248 39.63 12.94 -3.44
CA THR B 248 39.43 13.86 -4.56
C THR B 248 38.92 13.12 -5.79
N VAL B 249 37.77 13.55 -6.29
CA VAL B 249 37.18 12.94 -7.47
C VAL B 249 37.04 13.99 -8.55
N THR B 250 37.58 13.68 -9.73
CA THR B 250 37.51 14.61 -10.85
C THR B 250 36.37 14.19 -11.76
N VAL B 251 35.55 15.15 -12.16
CA VAL B 251 34.43 14.88 -13.04
C VAL B 251 34.43 15.88 -14.19
N THR B 252 33.91 15.46 -15.34
CA THR B 252 33.88 16.35 -16.49
C THR B 252 32.48 16.44 -17.07
N LYS B 253 32.20 17.58 -17.69
CA LYS B 253 30.90 17.83 -18.29
C LYS B 253 31.11 18.96 -19.28
N ASP B 254 30.93 18.66 -20.57
CA ASP B 254 31.10 19.65 -21.62
C ASP B 254 32.51 20.24 -21.60
N GLY B 255 33.50 19.36 -21.74
CA GLY B 255 34.89 19.78 -21.76
C GLY B 255 35.38 20.63 -20.61
N VAL B 256 34.57 20.79 -19.56
CA VAL B 256 34.97 21.58 -18.41
C VAL B 256 35.06 20.68 -17.18
N ALA B 257 36.26 20.56 -16.61
CA ALA B 257 36.45 19.73 -15.45
C ALA B 257 36.48 20.49 -14.13
N GLN B 258 36.12 19.78 -13.06
CA GLN B 258 36.10 20.35 -11.71
C GLN B 258 36.38 19.22 -10.74
N GLU B 259 37.04 19.54 -9.63
CA GLU B 259 37.35 18.52 -8.64
C GLU B 259 36.46 18.59 -7.42
N LEU B 260 35.83 17.47 -7.10
CA LEU B 260 34.94 17.38 -5.95
C LEU B 260 35.73 16.69 -4.83
N LYS B 261 35.44 17.07 -3.59
CA LYS B 261 36.15 16.47 -2.46
C LYS B 261 35.23 16.12 -1.28
N ALA B 262 35.53 15.00 -0.62
CA ALA B 262 34.74 14.56 0.52
C ALA B 262 35.48 13.50 1.33
N GLU B 263 34.94 13.19 2.50
CA GLU B 263 35.52 12.22 3.41
C GLU B 263 35.49 10.82 2.83
N LYS B 264 34.41 10.49 2.13
CA LYS B 264 34.26 9.16 1.53
C LYS B 264 33.57 9.27 0.18
N VAL B 265 33.67 8.19 -0.60
CA VAL B 265 33.04 8.11 -1.91
C VAL B 265 32.51 6.68 -2.09
N LEU B 266 31.23 6.57 -2.41
CA LEU B 266 30.58 5.29 -2.61
C LEU B 266 30.51 4.91 -4.09
N GLN B 267 30.99 3.72 -4.41
CA GLN B 267 30.97 3.23 -5.78
C GLN B 267 29.65 2.52 -6.03
N ALA B 268 28.81 3.07 -6.90
CA ALA B 268 27.53 2.45 -7.19
C ALA B 268 26.99 2.73 -8.60
N ILE B 269 27.82 2.54 -9.62
CA ILE B 269 27.39 2.80 -11.00
C ILE B 269 26.79 1.56 -11.66
N GLY B 270 26.92 0.41 -11.01
CA GLY B 270 26.38 -0.82 -11.57
C GLY B 270 26.91 -2.06 -10.87
N PHE B 271 26.41 -3.22 -11.27
CA PHE B 271 26.84 -4.49 -10.67
C PHE B 271 27.01 -5.57 -11.72
N ALA B 272 28.24 -6.07 -11.84
CA ALA B 272 28.56 -7.10 -12.81
C ALA B 272 28.35 -8.50 -12.24
N PRO B 273 27.75 -9.39 -13.04
CA PRO B 273 27.49 -10.77 -12.62
C PRO B 273 28.77 -11.50 -12.22
N ASN B 274 28.73 -12.23 -11.12
CA ASN B 274 29.89 -13.00 -10.65
C ASN B 274 30.03 -14.19 -11.60
N VAL B 275 30.95 -14.10 -12.56
CA VAL B 275 31.12 -15.17 -13.53
C VAL B 275 32.51 -15.82 -13.59
N GLU B 276 33.48 -15.26 -12.87
CA GLU B 276 34.81 -15.83 -12.91
C GLU B 276 35.29 -16.34 -11.55
N GLY B 277 36.10 -17.38 -11.57
CA GLY B 277 36.63 -17.92 -10.33
C GLY B 277 36.05 -19.22 -9.85
N TYR B 278 35.09 -19.79 -10.56
CA TYR B 278 34.49 -21.05 -10.13
C TYR B 278 34.25 -22.08 -11.22
N GLY B 279 35.11 -22.04 -12.24
CA GLY B 279 35.05 -23.00 -13.34
C GLY B 279 33.82 -23.11 -14.21
N LEU B 280 33.30 -21.99 -14.69
CA LEU B 280 32.14 -22.04 -15.56
C LEU B 280 32.56 -22.66 -16.90
N ASP B 281 33.82 -22.45 -17.26
CA ASP B 281 34.37 -22.97 -18.50
C ASP B 281 34.40 -24.49 -18.54
N LYS B 282 34.69 -25.11 -17.41
CA LYS B 282 34.74 -26.57 -17.33
C LYS B 282 33.35 -27.19 -17.39
N ALA B 283 32.33 -26.38 -17.14
CA ALA B 283 30.95 -26.85 -17.19
C ALA B 283 30.45 -26.61 -18.62
N GLY B 284 31.11 -25.67 -19.31
CA GLY B 284 30.73 -25.36 -20.67
C GLY B 284 29.63 -24.32 -20.73
N VAL B 285 29.48 -23.55 -19.66
CA VAL B 285 28.46 -22.52 -19.61
C VAL B 285 28.95 -21.24 -20.28
N ALA B 286 28.28 -20.88 -21.38
CA ALA B 286 28.64 -19.69 -22.14
C ALA B 286 28.09 -18.40 -21.53
N LEU B 287 28.77 -17.28 -21.82
CA LEU B 287 28.36 -15.96 -21.34
C LEU B 287 27.90 -15.08 -22.50
N THR B 288 27.19 -14.01 -22.17
CA THR B 288 26.71 -13.08 -23.18
C THR B 288 27.83 -12.07 -23.42
N ASP B 289 27.63 -11.13 -24.35
CA ASP B 289 28.65 -10.12 -24.63
C ASP B 289 28.86 -9.19 -23.44
N ARG B 290 27.84 -9.09 -22.59
CA ARG B 290 27.93 -8.23 -21.41
C ARG B 290 28.50 -9.00 -20.22
N LYS B 291 29.09 -10.15 -20.52
CA LYS B 291 29.70 -11.01 -19.49
C LYS B 291 28.71 -11.44 -18.42
N ALA B 292 27.49 -11.78 -18.85
CA ALA B 292 26.44 -12.27 -17.95
C ALA B 292 26.12 -13.68 -18.44
N ILE B 293 25.67 -14.56 -17.53
CA ILE B 293 25.36 -15.93 -17.95
C ILE B 293 24.14 -15.97 -18.86
N GLY B 294 24.36 -16.31 -20.14
CA GLY B 294 23.26 -16.39 -21.08
C GLY B 294 22.18 -17.35 -20.61
N VAL B 295 20.92 -17.01 -20.83
CA VAL B 295 19.83 -17.87 -20.38
C VAL B 295 18.58 -17.77 -21.27
N ASP B 296 17.76 -18.82 -21.29
CA ASP B 296 16.52 -18.80 -22.08
C ASP B 296 15.34 -18.48 -21.19
N ASP B 297 14.12 -18.62 -21.73
CA ASP B 297 12.91 -18.32 -20.98
C ASP B 297 12.68 -19.20 -19.74
N TYR B 298 13.32 -20.36 -19.69
CA TYR B 298 13.18 -21.25 -18.55
C TYR B 298 14.41 -21.24 -17.65
N MET B 299 15.25 -20.21 -17.82
CA MET B 299 16.48 -20.04 -17.04
C MET B 299 17.57 -21.10 -17.33
N ARG B 300 17.44 -21.80 -18.45
CA ARG B 300 18.44 -22.79 -18.84
C ARG B 300 19.59 -22.10 -19.54
N THR B 301 20.80 -22.55 -19.25
CA THR B 301 22.00 -21.99 -19.87
C THR B 301 22.17 -22.72 -21.20
N ASN B 302 23.36 -22.68 -21.77
CA ASN B 302 23.58 -23.37 -23.03
C ASN B 302 23.80 -24.86 -22.72
N VAL B 303 23.74 -25.20 -21.43
CA VAL B 303 23.91 -26.57 -20.98
C VAL B 303 22.62 -27.06 -20.31
N GLY B 304 21.81 -27.77 -21.10
CA GLY B 304 20.53 -28.29 -20.66
C GLY B 304 20.18 -28.45 -19.19
N HIS B 305 21.04 -29.10 -18.42
CA HIS B 305 20.76 -29.32 -16.99
C HIS B 305 21.28 -28.23 -16.06
N ILE B 306 21.92 -27.21 -16.62
CA ILE B 306 22.44 -26.13 -15.80
C ILE B 306 21.64 -24.85 -16.01
N TYR B 307 21.12 -24.30 -14.93
CA TYR B 307 20.32 -23.08 -14.99
C TYR B 307 21.04 -21.89 -14.35
N ALA B 308 20.63 -20.69 -14.72
CA ALA B 308 21.21 -19.47 -14.19
C ALA B 308 20.07 -18.55 -13.75
N ILE B 309 20.10 -18.14 -12.49
CA ILE B 309 19.05 -17.28 -11.95
C ILE B 309 19.63 -16.16 -11.10
N GLY B 310 18.84 -15.10 -10.90
CA GLY B 310 19.30 -13.98 -10.09
C GLY B 310 20.10 -12.93 -10.83
N ASP B 311 20.84 -12.12 -10.09
CA ASP B 311 21.64 -11.07 -10.69
C ASP B 311 22.67 -11.62 -11.67
N VAL B 312 23.11 -12.86 -11.45
CA VAL B 312 24.12 -13.45 -12.31
C VAL B 312 23.75 -13.48 -13.79
N ASN B 313 22.46 -13.42 -14.11
CA ASN B 313 22.04 -13.41 -15.52
C ASN B 313 21.77 -11.98 -15.99
N GLY B 314 21.86 -11.04 -15.06
CA GLY B 314 21.67 -9.63 -15.35
C GLY B 314 20.42 -9.19 -16.08
N LEU B 315 19.34 -9.95 -15.99
CA LEU B 315 18.11 -9.59 -16.66
C LEU B 315 17.43 -8.44 -15.93
N LEU B 316 17.23 -8.63 -14.63
CA LEU B 316 16.63 -7.63 -13.76
C LEU B 316 17.17 -7.92 -12.37
N GLN B 317 18.24 -7.22 -12.02
CA GLN B 317 18.92 -7.41 -10.76
C GLN B 317 18.15 -6.96 -9.52
N LEU B 318 17.10 -7.71 -9.20
CA LEU B 318 16.24 -7.45 -8.06
C LEU B 318 15.98 -8.78 -7.34
N ALA B 319 15.68 -8.71 -6.04
CA ALA B 319 15.43 -9.91 -5.24
C ALA B 319 14.19 -10.70 -5.67
N HIS B 320 13.05 -10.03 -5.84
CA HIS B 320 11.84 -10.75 -6.23
C HIS B 320 12.01 -11.45 -7.58
N VAL B 321 12.80 -10.85 -8.47
CA VAL B 321 13.03 -11.46 -9.77
C VAL B 321 13.87 -12.73 -9.58
N ALA B 322 14.94 -12.64 -8.79
CA ALA B 322 15.79 -13.79 -8.53
C ALA B 322 14.91 -14.93 -8.03
N GLU B 323 14.11 -14.64 -7.02
CA GLU B 323 13.20 -15.63 -6.44
C GLU B 323 12.33 -16.24 -7.53
N ALA B 324 11.64 -15.40 -8.28
CA ALA B 324 10.76 -15.86 -9.35
C ALA B 324 11.48 -16.77 -10.34
N GLN B 325 12.67 -16.36 -10.77
CA GLN B 325 13.44 -17.17 -11.72
C GLN B 325 13.84 -18.48 -11.04
N GLY B 326 14.09 -18.41 -9.74
CA GLY B 326 14.46 -19.60 -9.01
C GLY B 326 13.34 -20.62 -9.12
N VAL B 327 12.12 -20.18 -8.86
CA VAL B 327 10.95 -21.04 -8.95
C VAL B 327 10.83 -21.64 -10.36
N VAL B 328 10.95 -20.79 -11.37
CA VAL B 328 10.85 -21.27 -12.74
C VAL B 328 11.89 -22.35 -13.02
N ALA B 329 13.12 -22.13 -12.55
CA ALA B 329 14.17 -23.12 -12.77
C ALA B 329 13.81 -24.45 -12.10
N ALA B 330 13.37 -24.37 -10.86
CA ALA B 330 12.99 -25.55 -10.09
C ALA B 330 11.85 -26.33 -10.76
N GLU B 331 10.74 -25.65 -11.02
CA GLU B 331 9.59 -26.28 -11.65
C GLU B 331 9.97 -26.93 -12.99
N THR B 332 10.75 -26.23 -13.81
CA THR B 332 11.15 -26.78 -15.11
C THR B 332 11.94 -28.08 -14.94
N ILE B 333 12.85 -28.11 -13.96
CA ILE B 333 13.65 -29.30 -13.70
C ILE B 333 12.75 -30.48 -13.32
N ALA B 334 11.83 -30.24 -12.40
CA ALA B 334 10.90 -31.26 -11.92
C ALA B 334 9.82 -31.63 -12.94
N GLY B 335 9.81 -30.92 -14.06
CA GLY B 335 8.81 -31.19 -15.08
C GLY B 335 7.40 -30.82 -14.64
N ALA B 336 7.30 -29.88 -13.71
CA ALA B 336 6.01 -29.43 -13.20
C ALA B 336 5.52 -28.21 -13.98
N GLU B 337 4.25 -27.87 -13.79
CA GLU B 337 3.65 -26.74 -14.46
C GLU B 337 4.32 -25.44 -14.01
N THR B 338 4.66 -24.59 -14.98
CA THR B 338 5.29 -23.32 -14.67
C THR B 338 4.83 -22.25 -15.66
N LEU B 339 5.21 -21.01 -15.37
CA LEU B 339 4.84 -19.91 -16.24
C LEU B 339 6.06 -19.02 -16.40
N THR B 340 6.63 -19.01 -17.61
CA THR B 340 7.80 -18.19 -17.88
C THR B 340 7.51 -16.74 -17.47
N LEU B 341 8.53 -16.04 -16.98
CA LEU B 341 8.34 -14.66 -16.58
C LEU B 341 7.98 -13.78 -17.78
N GLY B 342 8.32 -14.26 -18.97
CA GLY B 342 8.02 -13.50 -20.17
C GLY B 342 8.93 -12.29 -20.29
N ASP B 343 8.39 -11.18 -20.78
CA ASP B 343 9.19 -9.96 -20.94
C ASP B 343 9.50 -9.39 -19.56
N HIS B 344 10.79 -9.38 -19.20
CA HIS B 344 11.21 -8.87 -17.90
C HIS B 344 10.96 -7.38 -17.71
N ARG B 345 10.73 -6.66 -18.81
CA ARG B 345 10.46 -5.23 -18.70
C ARG B 345 9.13 -5.00 -18.01
N MET B 346 8.28 -6.03 -18.04
CA MET B 346 6.96 -5.96 -17.42
C MET B 346 6.99 -6.21 -15.92
N LEU B 347 8.12 -6.67 -15.40
CA LEU B 347 8.23 -6.93 -13.97
C LEU B 347 8.25 -5.62 -13.18
N PRO B 348 7.72 -5.63 -11.96
CA PRO B 348 7.68 -4.45 -11.10
C PRO B 348 9.00 -4.15 -10.40
N ARG B 349 9.19 -2.89 -10.03
CA ARG B 349 10.40 -2.47 -9.32
C ARG B 349 10.12 -1.20 -8.53
N ALA B 350 10.87 -1.00 -7.46
CA ALA B 350 10.67 0.16 -6.63
C ALA B 350 11.96 0.69 -5.99
N THR B 351 11.99 1.99 -5.75
CA THR B 351 13.11 2.66 -5.11
C THR B 351 12.47 3.10 -3.79
N PHE B 352 13.12 2.79 -2.67
CA PHE B 352 12.50 3.10 -1.39
C PHE B 352 12.85 4.37 -0.63
N CYS B 353 13.17 5.43 -1.36
CA CYS B 353 13.41 6.71 -0.72
C CYS B 353 11.98 7.19 -0.47
N GLN B 354 11.78 8.28 0.26
CA GLN B 354 10.41 8.74 0.51
C GLN B 354 10.22 10.17 0.05
N PRO B 355 9.25 10.41 -0.86
CA PRO B 355 8.33 9.46 -1.50
C PRO B 355 8.99 8.38 -2.36
N ASN B 356 8.32 7.23 -2.41
CA ASN B 356 8.79 6.08 -3.18
C ASN B 356 8.68 6.30 -4.67
N VAL B 357 9.23 5.35 -5.41
CA VAL B 357 9.18 5.34 -6.85
C VAL B 357 8.80 3.90 -7.15
N ALA B 358 7.71 3.71 -7.87
CA ALA B 358 7.28 2.36 -8.22
C ALA B 358 6.86 2.37 -9.68
N SER B 359 7.32 1.39 -10.43
CA SER B 359 6.97 1.32 -11.84
C SER B 359 6.94 -0.11 -12.33
N PHE B 360 6.58 -0.26 -13.60
CA PHE B 360 6.53 -1.56 -14.24
C PHE B 360 6.26 -1.30 -15.71
N GLY B 361 6.68 -2.22 -16.56
CA GLY B 361 6.43 -2.06 -17.98
C GLY B 361 7.26 -1.00 -18.68
N LEU B 362 6.71 -0.49 -19.78
CA LEU B 362 7.37 0.51 -20.60
C LEU B 362 7.05 1.93 -20.18
N THR B 363 7.99 2.84 -20.40
CA THR B 363 7.79 4.24 -20.08
C THR B 363 6.98 4.79 -21.27
N GLU B 364 6.47 6.00 -21.14
CA GLU B 364 5.68 6.61 -22.19
C GLU B 364 6.45 6.62 -23.50
N GLN B 365 7.69 7.11 -23.43
CA GLN B 365 8.56 7.22 -24.60
C GLN B 365 8.94 5.88 -25.22
N GLN B 366 9.16 4.86 -24.39
CA GLN B 366 9.52 3.56 -24.92
C GLN B 366 8.35 2.99 -25.70
N ALA B 367 7.16 3.08 -25.11
CA ALA B 367 5.95 2.58 -25.75
C ALA B 367 5.73 3.34 -27.06
N ARG B 368 6.13 4.60 -27.06
CA ARG B 368 6.02 5.45 -28.24
C ARG B 368 6.89 4.89 -29.35
N ASN B 369 8.15 4.64 -29.03
CA ASN B 369 9.10 4.10 -30.00
C ASN B 369 8.77 2.68 -30.41
N GLU B 370 8.23 1.90 -29.48
CA GLU B 370 7.87 0.51 -29.75
C GLU B 370 6.76 0.42 -30.78
N GLY B 371 6.12 1.55 -31.08
CA GLY B 371 5.05 1.56 -32.06
C GLY B 371 3.61 1.48 -31.58
N TYR B 372 3.37 1.42 -30.28
CA TYR B 372 2.00 1.33 -29.78
C TYR B 372 1.21 2.64 -29.97
N ASP B 373 -0.12 2.53 -29.92
CA ASP B 373 -0.99 3.70 -30.04
C ASP B 373 -1.15 4.21 -28.61
N VAL B 374 -0.08 4.83 -28.11
CA VAL B 374 -0.02 5.33 -26.75
C VAL B 374 -1.13 6.24 -26.23
N VAL B 375 -1.66 5.86 -25.08
CA VAL B 375 -2.70 6.61 -24.39
C VAL B 375 -2.13 6.81 -22.99
N VAL B 376 -2.20 8.04 -22.47
CA VAL B 376 -1.64 8.31 -21.15
C VAL B 376 -2.61 8.98 -20.19
N ALA B 377 -2.49 8.62 -18.91
CA ALA B 377 -3.34 9.17 -17.86
C ALA B 377 -2.51 9.42 -16.62
N LYS B 378 -2.32 10.71 -16.30
CA LYS B 378 -1.53 11.11 -15.14
C LYS B 378 -2.43 11.79 -14.11
N PHE B 379 -2.35 11.34 -12.87
CA PHE B 379 -3.15 11.88 -11.77
C PHE B 379 -2.22 12.34 -10.64
N PRO B 380 -2.29 13.63 -10.28
CA PRO B 380 -1.43 14.17 -9.21
C PRO B 380 -2.01 13.88 -7.83
N PHE B 381 -1.13 13.56 -6.88
CA PHE B 381 -1.58 13.25 -5.52
C PHE B 381 -2.12 14.46 -4.78
N THR B 382 -1.90 15.66 -5.32
CA THR B 382 -2.42 16.86 -4.69
C THR B 382 -3.94 16.80 -4.74
N ALA B 383 -4.45 15.87 -5.55
CA ALA B 383 -5.89 15.69 -5.71
C ALA B 383 -6.36 14.39 -5.07
N ASN B 384 -5.55 13.84 -4.16
CA ASN B 384 -5.90 12.60 -3.47
C ASN B 384 -6.08 12.82 -1.96
N ALA B 385 -7.27 12.52 -1.46
CA ALA B 385 -7.62 12.71 -0.06
C ALA B 385 -6.61 12.12 0.92
N LYS B 386 -6.25 10.86 0.72
CA LYS B 386 -5.30 10.18 1.59
C LYS B 386 -3.93 10.84 1.60
N ALA B 387 -3.46 11.28 0.43
CA ALA B 387 -2.15 11.94 0.33
C ALA B 387 -2.10 13.17 1.25
N HIS B 388 -3.14 14.00 1.18
CA HIS B 388 -3.23 15.19 1.99
C HIS B 388 -3.35 14.85 3.46
N GLY B 389 -4.04 13.74 3.75
CA GLY B 389 -4.21 13.32 5.12
C GLY B 389 -2.91 12.86 5.74
N VAL B 390 -2.06 12.24 4.93
CA VAL B 390 -0.77 11.73 5.43
C VAL B 390 0.27 12.83 5.58
N GLY B 391 0.08 13.94 4.86
CA GLY B 391 1.02 15.05 4.94
C GLY B 391 2.01 15.11 3.81
N ASP B 392 1.74 14.40 2.73
CA ASP B 392 2.64 14.39 1.58
C ASP B 392 1.82 14.22 0.29
N PRO B 393 1.27 15.33 -0.23
CA PRO B 393 0.46 15.31 -1.45
C PRO B 393 1.28 15.47 -2.74
N SER B 394 2.57 15.17 -2.68
CA SER B 394 3.40 15.31 -3.87
C SER B 394 3.38 14.02 -4.67
N GLY B 395 4.03 14.04 -5.83
CA GLY B 395 4.07 12.85 -6.64
C GLY B 395 2.87 12.72 -7.55
N PHE B 396 2.75 11.57 -8.20
CA PHE B 396 1.66 11.33 -9.13
C PHE B 396 1.60 9.87 -9.53
N VAL B 397 0.62 9.53 -10.37
CA VAL B 397 0.44 8.19 -10.89
C VAL B 397 0.35 8.34 -12.41
N LYS B 398 1.27 7.74 -13.15
CA LYS B 398 1.26 7.85 -14.60
C LYS B 398 1.10 6.47 -15.25
N LEU B 399 0.00 6.27 -15.95
CA LEU B 399 -0.23 5.00 -16.60
C LEU B 399 -0.15 5.11 -18.11
N VAL B 400 0.51 4.13 -18.72
CA VAL B 400 0.68 4.06 -20.15
C VAL B 400 -0.11 2.86 -20.68
N ALA B 401 -0.84 3.06 -21.77
CA ALA B 401 -1.64 1.99 -22.33
C ALA B 401 -1.84 2.12 -23.84
N ASP B 402 -2.29 1.03 -24.46
CA ASP B 402 -2.55 1.02 -25.89
C ASP B 402 -4.04 1.31 -26.11
N ALA B 403 -4.34 2.14 -27.10
CA ALA B 403 -5.72 2.55 -27.41
C ALA B 403 -6.69 1.47 -27.90
N LYS B 404 -6.23 0.57 -28.75
CA LYS B 404 -7.10 -0.47 -29.30
C LYS B 404 -8.04 -1.15 -28.30
N HIS B 405 -7.48 -1.69 -27.22
CA HIS B 405 -8.31 -2.36 -26.21
C HIS B 405 -8.11 -1.81 -24.82
N GLY B 406 -7.28 -0.78 -24.69
CA GLY B 406 -7.02 -0.21 -23.38
C GLY B 406 -6.20 -1.14 -22.51
N GLU B 407 -5.19 -1.77 -23.11
CA GLU B 407 -4.33 -2.69 -22.38
C GLU B 407 -3.15 -1.94 -21.77
N LEU B 408 -2.78 -2.32 -20.56
CA LEU B 408 -1.68 -1.68 -19.85
C LEU B 408 -0.33 -2.02 -20.46
N LEU B 409 0.52 -1.00 -20.59
CA LEU B 409 1.87 -1.14 -21.13
C LEU B 409 2.87 -0.87 -20.02
N GLY B 410 2.52 0.07 -19.14
CA GLY B 410 3.40 0.41 -18.04
C GLY B 410 2.80 1.37 -17.04
N GLY B 411 3.35 1.36 -15.83
CA GLY B 411 2.88 2.24 -14.78
C GLY B 411 4.07 2.90 -14.14
N HIS B 412 3.94 4.17 -13.79
CA HIS B 412 5.03 4.90 -13.18
C HIS B 412 4.47 5.80 -12.08
N LEU B 413 4.84 5.50 -10.84
CA LEU B 413 4.35 6.24 -9.70
C LEU B 413 5.41 6.85 -8.80
N VAL B 414 5.10 8.02 -8.26
CA VAL B 414 5.97 8.74 -7.35
C VAL B 414 5.08 9.27 -6.23
N GLY B 415 5.29 8.78 -5.01
CA GLY B 415 4.47 9.23 -3.91
C GLY B 415 4.69 8.42 -2.65
N HIS B 416 4.06 8.86 -1.57
CA HIS B 416 4.17 8.20 -0.27
C HIS B 416 3.86 6.70 -0.34
N ASP B 417 4.87 5.87 -0.06
CA ASP B 417 4.75 4.42 -0.04
C ASP B 417 4.06 3.78 -1.24
N VAL B 418 4.18 4.38 -2.41
CA VAL B 418 3.53 3.85 -3.61
C VAL B 418 4.02 2.48 -4.10
N ALA B 419 5.06 1.94 -3.47
CA ALA B 419 5.58 0.63 -3.85
C ALA B 419 4.58 -0.49 -3.56
N GLU B 420 3.58 -0.19 -2.75
CA GLU B 420 2.56 -1.17 -2.38
C GLU B 420 1.35 -1.15 -3.30
N LEU B 421 1.35 -0.28 -4.30
CA LEU B 421 0.21 -0.13 -5.19
C LEU B 421 0.34 -0.85 -6.54
N LEU B 422 1.51 -1.43 -6.79
CA LEU B 422 1.80 -2.11 -8.05
C LEU B 422 1.06 -3.42 -8.34
N PRO B 423 0.89 -4.30 -7.33
CA PRO B 423 0.22 -5.59 -7.53
C PRO B 423 -0.96 -5.58 -8.49
N GLU B 424 -1.90 -4.66 -8.28
CA GLU B 424 -3.08 -4.57 -9.14
C GLU B 424 -2.70 -4.33 -10.60
N LEU B 425 -1.70 -3.49 -10.83
CA LEU B 425 -1.27 -3.17 -12.18
C LEU B 425 -0.65 -4.35 -12.92
N THR B 426 0.31 -5.02 -12.29
CA THR B 426 0.96 -6.16 -12.91
C THR B 426 0.01 -7.34 -13.10
N LEU B 427 -0.91 -7.52 -12.16
CA LEU B 427 -1.87 -8.62 -12.26
C LEU B 427 -2.74 -8.43 -13.50
N ALA B 428 -3.27 -7.22 -13.67
CA ALA B 428 -4.11 -6.90 -14.82
C ALA B 428 -3.36 -7.07 -16.14
N GLN B 429 -2.12 -6.61 -16.16
CA GLN B 429 -1.29 -6.69 -17.35
C GLN B 429 -1.02 -8.15 -17.75
N ARG B 430 -0.74 -8.98 -16.76
CA ARG B 430 -0.45 -10.39 -17.01
C ARG B 430 -1.67 -11.20 -17.48
N TRP B 431 -2.83 -10.91 -16.91
CA TRP B 431 -4.03 -11.65 -17.28
C TRP B 431 -5.03 -10.90 -18.16
N ASP B 432 -4.51 -10.24 -19.19
CA ASP B 432 -5.30 -9.50 -20.16
C ASP B 432 -6.53 -8.74 -19.63
N LEU B 433 -6.33 -7.96 -18.57
CA LEU B 433 -7.42 -7.16 -18.02
C LEU B 433 -7.12 -5.74 -18.46
N THR B 434 -8.07 -5.12 -19.15
CA THR B 434 -7.87 -3.78 -19.65
C THR B 434 -8.38 -2.69 -18.71
N ALA B 435 -8.21 -1.44 -19.16
CA ALA B 435 -8.65 -0.28 -18.41
C ALA B 435 -10.14 -0.36 -18.12
N SER B 436 -10.88 -1.00 -19.02
CA SER B 436 -12.32 -1.15 -18.87
C SER B 436 -12.65 -1.98 -17.65
N GLU B 437 -11.97 -3.10 -17.48
CA GLU B 437 -12.21 -3.97 -16.34
C GLU B 437 -11.58 -3.37 -15.09
N LEU B 438 -10.46 -2.67 -15.29
CA LEU B 438 -9.76 -2.04 -14.18
C LEU B 438 -10.60 -0.93 -13.54
N ALA B 439 -11.22 -0.10 -14.38
CA ALA B 439 -12.04 1.01 -13.92
C ALA B 439 -13.27 0.56 -13.13
N ARG B 440 -13.56 -0.73 -13.16
CA ARG B 440 -14.73 -1.26 -12.45
C ARG B 440 -14.38 -1.83 -11.09
N ASN B 441 -13.11 -1.73 -10.70
CA ASN B 441 -12.66 -2.22 -9.41
C ASN B 441 -12.81 -1.09 -8.40
N VAL B 442 -13.66 -1.28 -7.40
CA VAL B 442 -13.89 -0.26 -6.37
C VAL B 442 -12.72 -0.18 -5.40
N HIS B 443 -12.18 1.03 -5.23
CA HIS B 443 -11.06 1.22 -4.31
C HIS B 443 -11.53 1.90 -3.01
N THR B 444 -11.07 1.36 -1.89
CA THR B 444 -11.43 1.88 -0.57
C THR B 444 -11.05 3.34 -0.41
N HIS B 445 -11.89 4.06 0.34
CA HIS B 445 -11.68 5.49 0.60
C HIS B 445 -11.46 5.74 2.09
N PRO B 446 -10.47 6.56 2.44
CA PRO B 446 -9.55 7.22 1.49
C PRO B 446 -8.21 6.51 1.50
N THR B 447 -7.66 6.28 0.32
CA THR B 447 -6.37 5.62 0.21
C THR B 447 -5.61 6.16 -1.00
N MET B 448 -4.32 5.90 -1.05
CA MET B 448 -3.48 6.33 -2.16
C MET B 448 -3.93 5.58 -3.41
N SER B 449 -4.42 4.36 -3.22
CA SER B 449 -4.85 3.52 -4.33
C SER B 449 -5.96 4.12 -5.18
N GLU B 450 -6.67 5.11 -4.65
CA GLU B 450 -7.74 5.71 -5.42
C GLU B 450 -7.16 6.44 -6.62
N ALA B 451 -5.88 6.79 -6.54
CA ALA B 451 -5.21 7.48 -7.63
C ALA B 451 -5.07 6.56 -8.85
N LEU B 452 -5.12 5.26 -8.61
CA LEU B 452 -5.02 4.29 -9.71
C LEU B 452 -6.38 4.20 -10.40
N GLN B 453 -7.45 4.31 -9.61
CA GLN B 453 -8.80 4.24 -10.12
C GLN B 453 -9.04 5.41 -11.09
N GLU B 454 -8.59 6.60 -10.69
CA GLU B 454 -8.75 7.79 -11.53
C GLU B 454 -8.06 7.62 -12.88
N CYS B 455 -6.83 7.12 -12.88
CA CYS B 455 -6.12 6.94 -14.13
C CYS B 455 -6.86 5.94 -15.01
N PHE B 456 -7.44 4.91 -14.40
CA PHE B 456 -8.18 3.91 -15.16
C PHE B 456 -9.30 4.63 -15.90
N HIS B 457 -9.94 5.57 -15.22
CA HIS B 457 -11.03 6.36 -15.80
C HIS B 457 -10.53 7.35 -16.84
N GLY B 458 -9.37 7.94 -16.59
CA GLY B 458 -8.81 8.89 -17.54
C GLY B 458 -8.21 8.18 -18.73
N LEU B 459 -8.15 6.86 -18.62
CA LEU B 459 -7.61 6.02 -19.69
C LEU B 459 -8.78 5.57 -20.56
N VAL B 460 -9.90 5.24 -19.91
CA VAL B 460 -11.10 4.80 -20.60
C VAL B 460 -11.82 5.98 -21.24
N GLY B 461 -11.71 7.14 -20.59
CA GLY B 461 -12.33 8.34 -21.09
C GLY B 461 -11.83 9.53 -20.29
N HIS B 462 -12.68 10.05 -19.41
CA HIS B 462 -12.29 11.17 -18.57
C HIS B 462 -12.54 10.87 -17.09
N MET B 463 -11.54 11.20 -16.27
CA MET B 463 -11.58 10.99 -14.84
C MET B 463 -12.83 11.64 -14.23
N ILE B 464 -13.18 11.21 -13.02
CA ILE B 464 -14.35 11.77 -12.35
C ILE B 464 -13.96 12.93 -11.42
N ASN B 465 -13.10 12.65 -10.45
CA ASN B 465 -12.68 13.70 -9.52
C ASN B 465 -11.51 14.49 -10.08
N PHE B 466 -11.62 14.87 -11.35
CA PHE B 466 -10.58 15.64 -12.01
C PHE B 466 -11.09 16.14 -13.37
PA FAD C . -23.68 11.84 3.04
O1A FAD C . -22.25 12.11 2.79
O2A FAD C . -24.11 11.49 4.44
O5B FAD C . -24.46 13.10 2.52
C5B FAD C . -25.88 13.25 2.58
C4B FAD C . -26.16 14.71 2.21
O4B FAD C . -27.56 14.79 1.87
C3B FAD C . -25.92 15.70 3.35
O3B FAD C . -24.94 16.66 3.05
C2B FAD C . -27.30 16.27 3.62
O2B FAD C . -27.36 17.64 4.06
C1B FAD C . -28.06 16.03 2.32
N9A FAD C . -29.51 15.89 2.41
C8A FAD C . -30.23 15.06 3.25
N7A FAD C . -31.53 15.15 3.10
C5A FAD C . -31.69 16.09 2.11
C6A FAD C . -32.85 16.66 1.47
N6A FAD C . -34.10 16.29 1.79
N1A FAD C . -32.66 17.60 0.51
C2A FAD C . -31.38 17.97 0.17
N3A FAD C . -30.24 17.51 0.70
C4A FAD C . -30.46 16.55 1.69
N1 FAD C . -16.52 6.18 4.82
C2 FAD C . -15.42 5.76 4.13
O2 FAD C . -15.51 5.14 3.02
N3 FAD C . -14.14 6.01 4.60
C4 FAD C . -13.88 6.67 5.82
O4 FAD C . -12.68 6.86 6.18
C4X FAD C . -15.03 7.10 6.55
N5 FAD C . -14.84 7.77 7.78
C5X FAD C . -15.97 8.22 8.46
C6 FAD C . -15.79 8.92 9.70
C7 FAD C . -16.88 9.40 10.43
C7M FAD C . -16.57 10.13 11.74
C8 FAD C . -18.20 9.19 9.96
C8M FAD C . -19.44 9.66 10.69
C9 FAD C . -18.38 8.48 8.73
C9A FAD C . -17.31 7.99 7.97
N10 FAD C . -17.47 7.29 6.73
C10 FAD C . -16.32 6.83 5.99
C1' FAD C . -18.81 7.04 6.13
C2' FAD C . -19.08 7.99 4.95
O2' FAD C . -18.92 9.33 5.43
C3' FAD C . -20.48 7.75 4.39
O3' FAD C . -20.55 6.41 3.97
C4' FAD C . -20.76 8.66 3.17
O4' FAD C . -20.69 10.04 3.56
C5' FAD C . -22.12 8.41 2.61
O5' FAD C . -22.26 9.25 1.46
P FAD C . -23.66 9.75 0.97
O1P FAD C . -23.41 10.54 -0.25
O2P FAD C . -24.59 8.56 0.89
O3P FAD C . -24.25 10.67 2.12
C1 3II D . -17.65 3.27 9.18
C2 3II D . -17.57 1.81 9.13
C3 3II D . -18.75 1.01 9.73
C4 3II D . -16.43 1.12 8.53
O5 3II D . -14.39 4.11 7.55
C6 3II D . -13.03 4.14 8.41
O7 3II D . -18.72 0.80 10.95
N8 3II D . -19.79 0.55 8.93
C9 3II D . -19.82 -0.67 6.77
C10 3II D . -19.91 0.75 7.44
C11 3II D . -20.93 -0.22 9.53
C12 3II D . -20.87 -1.69 7.37
C13 3II D . -20.91 -1.67 8.96
C14 3II D . -22.26 -1.44 6.73
C15 3II D . -15.39 1.99 8.02
C16 3II D . -15.43 3.43 8.06
O17 3II D . -16.37 -0.27 8.48
C18 3II D . -15.22 -0.95 7.88
C19 3II D . -16.59 4.06 8.66
N20 3II D . -20.57 -3.15 6.89
N21 3II D . -22.75 -2.65 6.23
O22 3II D . -22.86 -0.37 6.63
C23 3II D . -21.82 -3.78 6.33
C24 3II D . -19.30 -3.90 7.11
C25 3II D . -24.19 -2.98 6.05
C26 3II D . -19.12 -5.24 6.50
C27 3II D . -18.14 -3.44 7.90
C28 3II D . -16.93 -4.21 8.08
C29 3II D . -24.96 -3.00 7.17
C30 3II D . -16.81 -5.50 7.47
C31 3II D . -17.90 -6.01 6.68
O32 3II D . -24.60 -3.53 8.20
N33 3II D . -26.12 -2.40 7.11
C34 3II D . -26.45 -1.40 8.00
C35 3II D . -27.46 -0.31 7.60
C36 3II D . -28.58 0.14 8.59
C37 3II D . -28.27 0.62 9.94
C38 3II D . -29.30 1.04 10.87
C39 3II D . -30.69 0.98 10.48
CL40 3II D . -31.91 1.48 11.58
C41 3II D . -31.04 0.51 9.16
C42 3II D . -30.02 0.09 8.21
CL43 3II D . -30.57 -0.46 6.66
PA FAD E . 23.03 -12.78 -4.12
O1A FAD E . 22.07 -12.41 -3.06
O2A FAD E . 24.06 -11.79 -4.57
O5B FAD E . 23.69 -14.11 -3.62
C5B FAD E . 24.67 -14.85 -4.34
C4B FAD E . 25.39 -15.70 -3.29
O4B FAD E . 26.17 -16.66 -4.03
C3B FAD E . 26.37 -14.92 -2.41
O3B FAD E . 26.00 -14.89 -1.05
C2B FAD E . 27.70 -15.60 -2.67
O2B FAD E . 28.58 -15.74 -1.56
C1B FAD E . 27.34 -16.93 -3.30
N9A FAD E . 28.30 -17.48 -4.25
C8A FAD E . 28.91 -16.82 -5.30
N7A FAD E . 29.72 -17.59 -5.98
C5A FAD E . 29.66 -18.81 -5.36
C6A FAD E . 30.31 -20.06 -5.61
N6A FAD E . 31.17 -20.24 -6.61
N1A FAD E . 30.02 -21.10 -4.79
C2A FAD E . 29.13 -20.93 -3.75
N3A FAD E . 28.47 -19.80 -3.44
C4A FAD E . 28.78 -18.74 -4.29
N1 FAD E . 16.73 -5.92 -4.52
C2 FAD E . 15.38 -5.81 -4.34
O2 FAD E . 14.54 -6.53 -4.98
N3 FAD E . 14.87 -4.90 -3.43
C4 FAD E . 15.66 -4.05 -2.67
O4 FAD E . 15.11 -3.26 -1.87
C4X FAD E . 17.07 -4.15 -2.87
N5 FAD E . 17.94 -3.30 -2.13
C5X FAD E . 19.30 -3.44 -2.32
C6 FAD E . 20.21 -2.61 -1.57
C7 FAD E . 21.60 -2.70 -1.72
C7M FAD E . 22.50 -1.78 -0.88
C8 FAD E . 22.15 -3.65 -2.63
C8M FAD E . 23.62 -3.84 -2.87
C9 FAD E . 21.24 -4.47 -3.37
C9A FAD E . 19.85 -4.40 -3.25
N10 FAD E . 18.95 -5.22 -3.98
C10 FAD E . 17.53 -5.11 -3.80
C1' FAD E . 19.43 -6.24 -4.96
C2' FAD E . 19.32 -7.66 -4.41
O2' FAD E . 20.10 -7.73 -3.19
C3' FAD E . 19.80 -8.65 -5.44
O3' FAD E . 18.97 -8.49 -6.60
C4' FAD E . 19.69 -10.09 -4.95
O4' FAD E . 20.50 -10.26 -3.77
C5' FAD E . 20.15 -11.06 -5.98
O5' FAD E . 19.94 -12.35 -5.43
P FAD E . 20.79 -13.58 -5.88
O1P FAD E . 20.27 -14.74 -5.13
O2P FAD E . 20.79 -13.63 -7.39
O3P FAD E . 22.30 -13.31 -5.44
C1 3II F . 18.78 -1.57 -7.48
C2 3II F . 18.01 -1.02 -8.58
C3 3II F . 18.76 -0.67 -9.89
C4 3II F . 16.56 -0.76 -8.48
O5 3II F . 16.00 -1.93 -4.95
C6 3II F . 15.49 -0.69 -4.07
O7 3II F . 19.24 0.46 -10.00
N8 3II F . 18.90 -1.64 -10.90
C9 3II F . 17.23 -3.14 -11.90
C10 3II F . 18.37 -3.04 -10.83
C11 3II F . 19.63 -1.33 -12.18
C12 3II F . 17.73 -2.75 -13.34
C13 3II F . 18.59 -1.41 -13.35
C14 3II F . 18.49 -3.96 -13.97
C15 3II F . 15.97 -1.11 -7.20
C16 3II F . 16.70 -1.67 -6.07
O17 3II F . 15.82 -0.23 -9.53
C18 3II F . 14.38 0.02 -9.42
C19 3II F . 18.12 -1.90 -6.24
N20 3II F . 16.51 -2.61 -14.31
N21 3II F . 17.96 -4.21 -15.23
O22 3II F . 19.39 -4.61 -13.46
C23 3II F . 16.64 -3.58 -15.46
C24 3II F . 15.49 -1.53 -14.27
C25 3II F . 18.78 -4.46 -16.44
C26 3II F . 14.72 -1.19 -15.50
C27 3II F . 15.11 -0.74 -13.08
C28 3II F . 14.07 0.27 -13.10
C29 3II F . 19.62 -3.46 -16.83
C30 3II F . 13.36 0.55 -14.31
C31 3II F . 13.68 -0.18 -15.51
O32 3II F . 19.38 -2.29 -16.63
N33 3II F . 20.69 -3.78 -17.47
C34 3II F . 21.79 -4.30 -16.79
C35 3II F . 22.55 -5.48 -17.41
C36 3II F . 24.03 -5.31 -17.86
C37 3II F . 24.49 -4.14 -18.63
C38 3II F . 25.87 -3.99 -19.04
C39 3II F . 26.85 -5.00 -18.70
CL40 3II F . 28.49 -4.80 -19.21
C41 3II F . 26.44 -6.16 -17.94
C42 3II F . 25.06 -6.33 -17.53
CL43 3II F . 24.71 -7.77 -16.62
#